data_8BE1
#
_entry.id   8BE1
#
_cell.length_a   58.47
_cell.length_b   194.62
_cell.length_c   62.09
_cell.angle_alpha   90
_cell.angle_beta   97.16
_cell.angle_gamma   90
#
_symmetry.space_group_name_H-M   'P 1 21 1'
#
loop_
_entity.id
_entity.type
_entity.pdbx_description
1 polymer 'Antibody heavy chain'
2 polymer 'Antibody light chain'
3 polymer 'Spike protein S1'
4 non-polymer 'SULFATE ION'
5 water water
#
loop_
_entity_poly.entity_id
_entity_poly.type
_entity_poly.pdbx_seq_one_letter_code
_entity_poly.pdbx_strand_id
1 'polypeptide(L)'
;MQVQLQQSGAELARPGASVKLSCKASGYTFISNGISWVKQRTGQGLEWIGEIYPRNGNTYYNEKFKGKATLTADKSSSTA
YMELRSLTSEDSAVFFCARDYYYGSFDYWGQGTTLTVSSAKTTPPSVYPLAPGSAAQTNSMVTLGCLVKGYFPEPVTVTW
NSGSLSSGVHTFPAVLQSDLYTLSSSVTVPSSTWPSQTVTCNVAHPASSTKVDKKIVPRDCGSSHHHHHH
;
A,D
2 'polypeptide(L)'
;MDIQMTQSPSSLSASLGERVSLTCRASREISGYLTWLQQKPDGTIKRLIYAASTLDSGVPKRFSGSRSGSDYSLTISSLE
SEDFADYYCLQYASYPWTFGGGTKLEIKRADAAPTVSIFPPSSEQLTSGGASVVCFLNNFYPKDINVKWKIDGSERQNGV
LNSWTDQDSKDSTYSMSSTLTLTKDEYERHNSYTCEATHKTSTSPIVKSFNRNEC
;
B,E
3 'polypeptide(L)'
;GSGTNLCPFGEVFNATRFASVYAWNRKRISNCVADYSVLYNSASFSTFKCYGVSPTKLNDLCFTNVYADSFVIRGDEVRQ
IAPGQTGKIADYNYKLPDDFTGCVIAWNSNNLDSKVGGNYNYLYRLFRKSNLKPFERDISTEIYQAGSTPCNGVEGFNCY
FPLQSYGFQPTNGVGYQPYRVVVLSFELLHAPATVCGP
;
C,F
#
loop_
_chem_comp.id
_chem_comp.type
_chem_comp.name
_chem_comp.formula
SO4 non-polymer 'SULFATE ION' 'O4 S -2'
#
# COMPACT_ATOMS: atom_id res chain seq x y z
N GLN A 2 -9.00 17.37 15.33
CA GLN A 2 -8.09 16.67 14.42
C GLN A 2 -7.49 17.62 13.38
N VAL A 3 -6.15 17.62 13.25
CA VAL A 3 -5.47 18.47 12.28
C VAL A 3 -5.66 17.87 10.89
N GLN A 4 -6.16 18.68 9.95
CA GLN A 4 -6.37 18.23 8.58
C GLN A 4 -6.11 19.36 7.59
N LEU A 5 -5.51 18.99 6.46
CA LEU A 5 -5.22 19.90 5.34
C LEU A 5 -6.01 19.31 4.17
N GLN A 6 -7.05 20.02 3.75
CA GLN A 6 -7.93 19.55 2.68
C GLN A 6 -7.75 20.36 1.44
N GLN A 7 -7.18 19.73 0.43
CA GLN A 7 -6.90 20.37 -0.83
C GLN A 7 -8.08 20.36 -1.79
N SER A 8 -8.07 21.34 -2.69
CA SER A 8 -9.01 21.55 -3.78
C SER A 8 -9.07 20.29 -4.68
N GLY A 9 -10.15 20.15 -5.45
CA GLY A 9 -10.33 18.97 -6.30
C GLY A 9 -9.42 18.96 -7.50
N ALA A 10 -9.37 17.81 -8.23
CA ALA A 10 -8.57 17.65 -9.45
C ALA A 10 -8.89 18.77 -10.45
N GLU A 11 -7.85 19.31 -11.09
CA GLU A 11 -8.02 20.46 -11.94
C GLU A 11 -7.49 20.31 -13.34
N LEU A 12 -8.27 20.80 -14.30
CA LEU A 12 -7.87 20.86 -15.71
C LEU A 12 -7.76 22.34 -16.04
N ALA A 13 -6.68 22.75 -16.70
CA ALA A 13 -6.46 24.13 -17.14
C ALA A 13 -5.85 24.13 -18.53
N ARG A 14 -6.05 25.22 -19.29
CA ARG A 14 -5.48 25.32 -20.63
C ARG A 14 -4.08 25.90 -20.61
N PRO A 15 -3.24 25.64 -21.64
CA PRO A 15 -1.92 26.30 -21.70
C PRO A 15 -2.07 27.84 -21.74
N GLY A 16 -1.12 28.54 -21.13
CA GLY A 16 -1.16 29.99 -21.00
C GLY A 16 -2.02 30.46 -19.84
N ALA A 17 -2.97 29.61 -19.38
CA ALA A 17 -3.89 29.96 -18.31
C ALA A 17 -3.25 29.91 -16.89
N SER A 18 -3.96 30.42 -15.88
CA SER A 18 -3.53 30.41 -14.50
C SER A 18 -4.49 29.61 -13.70
N VAL A 19 -3.99 29.02 -12.63
CA VAL A 19 -4.80 28.22 -11.74
C VAL A 19 -4.57 28.68 -10.29
N LYS A 20 -5.55 28.40 -9.43
CA LYS A 20 -5.44 28.76 -8.03
C LYS A 20 -5.84 27.55 -7.21
N LEU A 21 -4.85 26.89 -6.58
CA LEU A 21 -5.12 25.71 -5.78
C LEU A 21 -5.33 26.11 -4.32
N SER A 22 -6.21 25.41 -3.60
CA SER A 22 -6.48 25.72 -2.19
C SER A 22 -6.07 24.59 -1.24
N CYS A 23 -5.79 24.93 0.01
CA CYS A 23 -5.39 23.98 1.04
C CYS A 23 -6.03 24.46 2.35
N LYS A 24 -7.20 23.92 2.68
CA LYS A 24 -7.99 24.30 3.84
C LYS A 24 -7.44 23.65 5.11
N ALA A 25 -7.08 24.45 6.13
CA ALA A 25 -6.56 23.90 7.37
C ALA A 25 -7.58 23.98 8.50
N SER A 26 -7.84 22.85 9.18
CA SER A 26 -8.73 22.80 10.34
C SER A 26 -8.17 21.88 11.44
N GLY A 27 -8.49 22.17 12.68
CA GLY A 27 -7.99 21.37 13.80
C GLY A 27 -6.83 21.99 14.57
N TYR A 28 -6.55 23.27 14.30
CA TYR A 28 -5.48 24.07 14.93
C TYR A 28 -5.58 25.54 14.46
N THR A 29 -4.86 26.47 15.14
CA THR A 29 -4.91 27.87 14.75
C THR A 29 -3.94 28.15 13.59
N PHE A 30 -4.53 28.46 12.43
CA PHE A 30 -3.88 28.71 11.16
C PHE A 30 -2.59 29.55 11.23
N ILE A 31 -2.58 30.66 11.98
CA ILE A 31 -1.41 31.54 12.06
C ILE A 31 -0.23 30.94 12.82
N SER A 32 -0.45 29.89 13.61
CA SER A 32 0.60 29.25 14.39
C SER A 32 1.69 28.57 13.55
N ASN A 33 1.30 27.93 12.44
CA ASN A 33 2.27 27.17 11.63
C ASN A 33 2.39 27.63 10.18
N GLY A 34 3.55 27.35 9.59
CA GLY A 34 3.78 27.66 8.20
C GLY A 34 3.17 26.59 7.30
N ILE A 35 2.69 26.98 6.12
CA ILE A 35 2.12 26.03 5.16
C ILE A 35 3.05 25.99 3.94
N SER A 36 3.55 24.80 3.57
CA SER A 36 4.43 24.65 2.40
C SER A 36 3.80 23.85 1.27
N TRP A 37 4.32 24.01 0.05
CA TRP A 37 3.82 23.29 -1.13
C TRP A 37 4.93 22.47 -1.77
N VAL A 38 4.55 21.30 -2.34
CA VAL A 38 5.46 20.32 -2.96
C VAL A 38 4.89 19.86 -4.30
N LYS A 39 5.74 19.82 -5.33
CA LYS A 39 5.37 19.35 -6.64
C LYS A 39 5.93 17.92 -6.87
N GLN A 40 5.12 17.08 -7.50
CA GLN A 40 5.58 15.76 -7.93
C GLN A 40 5.00 15.39 -9.29
N ARG A 41 5.85 15.40 -10.32
CA ARG A 41 5.43 14.94 -11.63
C ARG A 41 5.35 13.41 -11.59
N THR A 42 4.46 12.81 -12.40
CA THR A 42 4.24 11.36 -12.47
C THR A 42 5.55 10.59 -12.66
N GLY A 43 5.81 9.66 -11.74
CA GLY A 43 7.00 8.82 -11.75
C GLY A 43 8.29 9.57 -11.45
N GLN A 44 8.20 10.78 -10.91
CA GLN A 44 9.36 11.61 -10.60
C GLN A 44 9.47 11.93 -9.08
N GLY A 45 10.51 12.65 -8.67
CA GLY A 45 10.71 12.99 -7.26
C GLY A 45 9.91 14.14 -6.69
N LEU A 46 10.06 14.37 -5.38
CA LEU A 46 9.38 15.45 -4.67
C LEU A 46 10.22 16.76 -4.82
N GLU A 47 9.55 17.89 -5.00
CA GLU A 47 10.23 19.17 -5.17
C GLU A 47 9.63 20.18 -4.24
N TRP A 48 10.47 20.81 -3.39
CA TRP A 48 9.99 21.85 -2.51
C TRP A 48 9.69 23.11 -3.35
N ILE A 49 8.44 23.60 -3.30
CA ILE A 49 8.04 24.79 -4.06
C ILE A 49 8.32 26.04 -3.22
N GLY A 50 7.79 26.05 -2.02
CA GLY A 50 7.94 27.17 -1.13
C GLY A 50 7.04 27.08 0.09
N GLU A 51 7.15 28.06 0.97
CA GLU A 51 6.36 28.10 2.20
C GLU A 51 5.77 29.49 2.45
N ILE A 52 4.61 29.55 3.11
CA ILE A 52 4.02 30.81 3.52
C ILE A 52 3.81 30.78 5.05
N TYR A 53 4.11 31.89 5.74
CA TYR A 53 3.84 31.99 7.17
C TYR A 53 2.59 32.85 7.25
N PRO A 54 1.43 32.25 7.52
CA PRO A 54 0.16 32.98 7.43
C PRO A 54 -0.01 34.21 8.34
N ARG A 55 0.67 34.21 9.48
CA ARG A 55 0.56 35.29 10.44
C ARG A 55 0.95 36.64 9.84
N ASN A 56 2.06 36.69 9.09
CA ASN A 56 2.49 37.93 8.45
C ASN A 56 2.42 37.91 6.92
N GLY A 57 2.08 36.77 6.33
CA GLY A 57 2.06 36.63 4.88
C GLY A 57 3.42 36.53 4.23
N ASN A 58 4.49 36.32 5.02
CA ASN A 58 5.85 36.20 4.48
C ASN A 58 5.99 34.87 3.72
N THR A 59 6.72 34.88 2.61
CA THR A 59 6.87 33.72 1.75
C THR A 59 8.33 33.48 1.38
N TYR A 60 8.65 32.25 1.01
CA TYR A 60 9.99 31.88 0.59
C TYR A 60 9.82 30.82 -0.47
N TYR A 61 10.51 30.98 -1.58
CA TYR A 61 10.38 30.10 -2.71
C TYR A 61 11.70 29.46 -3.11
N ASN A 62 11.59 28.29 -3.74
CA ASN A 62 12.68 27.62 -4.43
C ASN A 62 12.84 28.48 -5.74
N GLU A 63 14.05 28.84 -6.11
CA GLU A 63 14.36 29.65 -7.31
C GLU A 63 13.64 29.18 -8.59
N LYS A 64 13.51 27.85 -8.78
CA LYS A 64 12.84 27.21 -9.91
C LYS A 64 11.32 27.54 -9.97
N PHE A 65 10.71 27.91 -8.82
CA PHE A 65 9.29 28.23 -8.73
C PHE A 65 9.01 29.73 -8.54
N LYS A 66 10.05 30.59 -8.58
CA LYS A 66 9.85 32.03 -8.45
C LYS A 66 9.10 32.52 -9.68
N GLY A 67 8.05 33.31 -9.47
CA GLY A 67 7.24 33.81 -10.58
C GLY A 67 6.15 32.83 -10.96
N LYS A 68 6.51 31.55 -11.19
CA LYS A 68 5.58 30.48 -11.56
C LYS A 68 4.51 30.33 -10.48
N ALA A 69 4.92 30.19 -9.20
CA ALA A 69 3.97 30.05 -8.10
C ALA A 69 3.91 31.30 -7.23
N THR A 70 2.74 31.55 -6.66
CA THR A 70 2.50 32.65 -5.73
C THR A 70 1.67 32.09 -4.59
N LEU A 71 2.22 32.11 -3.39
CA LEU A 71 1.52 31.62 -2.23
C LEU A 71 0.86 32.78 -1.49
N THR A 72 -0.41 32.60 -1.15
CA THR A 72 -1.17 33.58 -0.37
C THR A 72 -1.91 32.82 0.73
N ALA A 73 -2.31 33.52 1.76
CA ALA A 73 -3.04 32.92 2.87
C ALA A 73 -4.25 33.77 3.20
N ASP A 74 -5.26 33.15 3.79
CA ASP A 74 -6.49 33.84 4.14
C ASP A 74 -6.82 33.46 5.58
N LYS A 75 -6.54 34.36 6.52
CA LYS A 75 -6.76 34.14 7.95
C LYS A 75 -8.24 33.95 8.26
N SER A 76 -9.12 34.66 7.53
CA SER A 76 -10.58 34.62 7.66
C SER A 76 -11.14 33.21 7.43
N SER A 77 -10.66 32.54 6.37
CA SER A 77 -11.13 31.19 6.00
C SER A 77 -10.15 30.07 6.34
N SER A 78 -9.03 30.37 7.03
CA SER A 78 -7.97 29.41 7.39
C SER A 78 -7.56 28.51 6.20
N THR A 79 -7.37 29.15 5.05
CA THR A 79 -7.05 28.47 3.80
C THR A 79 -5.79 29.05 3.16
N ALA A 80 -4.90 28.15 2.70
CA ALA A 80 -3.66 28.45 2.01
C ALA A 80 -3.91 28.40 0.49
N TYR A 81 -3.20 29.22 -0.30
CA TYR A 81 -3.39 29.23 -1.75
C TYR A 81 -2.10 29.22 -2.52
N MET A 82 -2.12 28.58 -3.67
CA MET A 82 -1.00 28.59 -4.57
C MET A 82 -1.51 28.89 -5.95
N GLU A 83 -1.17 30.06 -6.44
CA GLU A 83 -1.54 30.46 -7.77
C GLU A 83 -0.40 30.08 -8.71
N LEU A 84 -0.69 29.31 -9.75
CA LEU A 84 0.29 28.88 -10.74
C LEU A 84 -0.01 29.61 -12.03
N ARG A 85 0.95 30.38 -12.58
CA ARG A 85 0.80 31.23 -13.76
C ARG A 85 1.36 30.64 -15.05
N SER A 86 0.95 31.19 -16.25
CA SER A 86 1.41 30.79 -17.62
C SER A 86 1.59 29.27 -17.73
N LEU A 87 0.52 28.53 -17.50
CA LEU A 87 0.60 27.07 -17.42
C LEU A 87 1.01 26.39 -18.69
N THR A 88 1.97 25.46 -18.56
CA THR A 88 2.43 24.63 -19.67
C THR A 88 2.30 23.15 -19.26
N SER A 89 2.43 22.22 -20.22
CA SER A 89 2.34 20.79 -19.95
C SER A 89 3.34 20.34 -18.84
N GLU A 90 4.48 21.05 -18.70
CA GLU A 90 5.49 20.79 -17.68
C GLU A 90 4.99 21.05 -16.24
N ASP A 91 3.92 21.84 -16.09
CA ASP A 91 3.30 22.11 -14.80
C ASP A 91 2.32 21.00 -14.38
N SER A 92 1.90 20.10 -15.31
CA SER A 92 1.05 18.96 -14.98
C SER A 92 1.79 18.06 -14.00
N ALA A 93 1.26 17.96 -12.79
CA ALA A 93 1.85 17.23 -11.66
C ALA A 93 0.82 17.14 -10.50
N VAL A 94 1.16 16.41 -9.41
CA VAL A 94 0.35 16.44 -8.22
C VAL A 94 0.99 17.53 -7.36
N PHE A 95 0.16 18.39 -6.76
CA PHE A 95 0.63 19.42 -5.87
C PHE A 95 0.09 19.12 -4.47
N PHE A 96 0.98 19.10 -3.49
CA PHE A 96 0.61 18.86 -2.12
C PHE A 96 0.88 20.12 -1.29
N CYS A 97 0.15 20.25 -0.20
CA CYS A 97 0.45 21.24 0.81
C CYS A 97 0.82 20.40 2.04
N ALA A 98 1.60 20.98 2.93
CA ALA A 98 2.05 20.31 4.14
C ALA A 98 2.30 21.33 5.24
N ARG A 99 2.23 20.88 6.50
CA ARG A 99 2.44 21.79 7.62
C ARG A 99 3.89 21.80 8.13
N ASP A 100 4.50 22.97 8.21
CA ASP A 100 5.84 23.10 8.79
C ASP A 100 5.57 23.34 10.27
N TYR A 101 5.65 22.27 11.07
CA TYR A 101 5.41 22.39 12.51
C TYR A 101 6.60 23.03 13.26
N TYR A 102 6.40 23.39 14.55
CA TYR A 102 7.38 23.97 15.46
C TYR A 102 8.69 23.20 15.47
N TYR A 103 8.61 21.88 15.36
CA TYR A 103 9.74 20.98 15.30
C TYR A 103 9.38 19.76 14.41
N GLY A 104 10.40 19.11 13.86
CA GLY A 104 10.22 17.90 13.06
C GLY A 104 9.89 18.02 11.58
N SER A 105 9.97 19.23 11.01
CA SER A 105 9.65 19.55 9.60
C SER A 105 8.15 19.28 9.29
N PHE A 106 7.81 18.50 8.23
CA PHE A 106 6.41 18.26 7.89
C PHE A 106 5.74 17.17 8.74
N ASP A 107 4.70 17.53 9.51
CA ASP A 107 4.00 16.53 10.30
C ASP A 107 2.74 16.05 9.56
N TYR A 108 1.92 16.98 9.05
CA TYR A 108 0.70 16.63 8.30
C TYR A 108 0.81 17.07 6.85
N TRP A 109 0.14 16.33 5.97
CA TRP A 109 0.16 16.60 4.54
C TRP A 109 -1.26 16.55 3.95
N GLY A 110 -1.54 17.43 3.00
CA GLY A 110 -2.79 17.39 2.26
C GLY A 110 -2.87 16.12 1.42
N GLN A 111 -4.05 15.84 0.84
CA GLN A 111 -4.23 14.63 0.03
C GLN A 111 -3.59 14.72 -1.38
N GLY A 112 -3.34 15.93 -1.85
CA GLY A 112 -2.80 16.16 -3.18
C GLY A 112 -3.88 16.66 -4.11
N THR A 113 -3.49 17.43 -5.11
CA THR A 113 -4.39 17.93 -6.14
C THR A 113 -3.70 17.65 -7.45
N THR A 114 -4.32 16.88 -8.33
CA THR A 114 -3.74 16.58 -9.63
C THR A 114 -4.08 17.70 -10.62
N LEU A 115 -3.07 18.29 -11.24
CA LEU A 115 -3.27 19.34 -12.23
C LEU A 115 -2.94 18.79 -13.60
N THR A 116 -3.85 19.00 -14.55
CA THR A 116 -3.64 18.63 -15.94
C THR A 116 -3.68 19.92 -16.74
N VAL A 117 -2.61 20.20 -17.50
CA VAL A 117 -2.51 21.33 -18.39
C VAL A 117 -2.58 20.79 -19.80
N SER A 118 -3.71 21.01 -20.48
CA SER A 118 -3.95 20.50 -21.82
C SER A 118 -5.03 21.34 -22.55
N SER A 119 -4.96 21.35 -23.87
CA SER A 119 -5.98 21.99 -24.72
C SER A 119 -7.03 20.98 -25.22
N ALA A 120 -7.00 19.73 -24.74
CA ALA A 120 -7.88 18.70 -25.21
C ALA A 120 -9.27 18.82 -24.66
N LYS A 121 -10.24 18.36 -25.43
CA LYS A 121 -11.62 18.33 -25.02
C LYS A 121 -12.01 16.88 -24.65
N THR A 122 -13.10 16.73 -23.88
CA THR A 122 -13.62 15.43 -23.49
C THR A 122 -13.96 14.59 -24.70
N THR A 123 -13.23 13.47 -24.86
CA THR A 123 -13.39 12.56 -25.99
C THR A 123 -13.53 11.12 -25.47
N PRO A 124 -14.57 10.40 -25.89
CA PRO A 124 -14.71 9.00 -25.46
C PRO A 124 -13.69 8.13 -26.19
N PRO A 125 -13.21 7.07 -25.55
CA PRO A 125 -12.24 6.20 -26.25
C PRO A 125 -12.84 5.41 -27.40
N SER A 126 -11.97 4.99 -28.31
CA SER A 126 -12.32 4.05 -29.36
C SER A 126 -11.78 2.71 -28.77
N VAL A 127 -12.64 1.66 -28.67
CA VAL A 127 -12.19 0.39 -28.11
C VAL A 127 -12.03 -0.67 -29.18
N TYR A 128 -10.79 -1.16 -29.36
CA TYR A 128 -10.53 -2.19 -30.36
C TYR A 128 -10.10 -3.49 -29.77
N PRO A 129 -10.55 -4.62 -30.38
CA PRO A 129 -10.09 -5.94 -29.92
C PRO A 129 -8.70 -6.29 -30.49
N LEU A 130 -7.95 -7.04 -29.73
CA LEU A 130 -6.62 -7.49 -30.14
C LEU A 130 -6.70 -9.02 -30.13
N ALA A 131 -7.00 -9.60 -31.29
CA ALA A 131 -7.10 -11.05 -31.43
C ALA A 131 -5.84 -11.52 -32.15
N PRO A 132 -5.31 -12.72 -31.85
CA PRO A 132 -4.12 -13.18 -32.57
C PRO A 132 -4.42 -13.35 -34.07
N GLY A 133 -3.44 -13.02 -34.89
CA GLY A 133 -3.56 -13.19 -36.34
C GLY A 133 -3.54 -14.66 -36.71
N SER A 134 -2.74 -15.47 -35.97
CA SER A 134 -2.53 -16.91 -36.12
C SER A 134 -1.95 -17.30 -37.51
N THR A 138 -0.30 -22.50 -32.35
CA THR A 138 -1.16 -22.46 -31.18
C THR A 138 -0.42 -23.12 -29.95
N ASN A 139 -0.28 -22.37 -28.84
CA ASN A 139 0.38 -22.90 -27.63
C ASN A 139 -0.68 -23.35 -26.59
N SER A 140 -0.26 -23.84 -25.41
CA SER A 140 -1.20 -24.22 -24.36
C SER A 140 -1.99 -22.99 -23.83
N MET A 141 -1.34 -21.80 -23.81
CA MET A 141 -1.89 -20.52 -23.38
C MET A 141 -2.00 -19.53 -24.56
N VAL A 142 -3.05 -18.69 -24.61
CA VAL A 142 -3.22 -17.70 -25.68
C VAL A 142 -3.33 -16.29 -25.08
N THR A 143 -2.60 -15.31 -25.65
CA THR A 143 -2.69 -13.93 -25.17
C THR A 143 -3.65 -13.13 -26.05
N LEU A 144 -4.63 -12.52 -25.41
CA LEU A 144 -5.64 -11.67 -26.04
C LEU A 144 -5.45 -10.24 -25.49
N GLY A 145 -6.06 -9.25 -26.14
CA GLY A 145 -5.95 -7.89 -25.69
C GLY A 145 -7.08 -6.94 -26.02
N CYS A 146 -6.93 -5.71 -25.56
CA CYS A 146 -7.88 -4.65 -25.69
C CYS A 146 -7.13 -3.30 -25.89
N LEU A 147 -7.32 -2.62 -27.03
CA LEU A 147 -6.70 -1.33 -27.29
C LEU A 147 -7.73 -0.21 -27.04
N VAL A 148 -7.46 0.68 -26.07
CA VAL A 148 -8.34 1.79 -25.68
C VAL A 148 -7.69 3.11 -26.15
N LYS A 149 -8.11 3.59 -27.32
CA LYS A 149 -7.43 4.71 -27.96
C LYS A 149 -8.20 6.03 -28.07
N GLY A 150 -7.47 7.13 -27.89
CA GLY A 150 -7.95 8.48 -28.12
C GLY A 150 -9.01 9.05 -27.20
N TYR A 151 -8.82 8.91 -25.90
CA TYR A 151 -9.76 9.44 -24.93
C TYR A 151 -9.12 10.59 -24.14
N PHE A 152 -9.97 11.35 -23.46
CA PHE A 152 -9.55 12.45 -22.63
C PHE A 152 -10.74 12.85 -21.77
N PRO A 153 -10.54 13.18 -20.50
CA PRO A 153 -9.28 13.05 -19.73
C PRO A 153 -9.10 11.62 -19.18
N GLU A 154 -8.03 11.39 -18.38
CA GLU A 154 -7.87 10.14 -17.66
C GLU A 154 -8.85 10.20 -16.46
N PRO A 155 -9.32 9.07 -15.94
CA PRO A 155 -8.91 7.71 -16.30
C PRO A 155 -10.00 6.91 -17.02
N VAL A 156 -9.64 5.68 -17.42
CA VAL A 156 -10.52 4.63 -17.91
C VAL A 156 -10.32 3.46 -16.93
N THR A 157 -11.31 2.60 -16.84
CA THR A 157 -11.18 1.37 -16.07
C THR A 157 -11.36 0.25 -17.09
N VAL A 158 -10.51 -0.76 -17.02
CA VAL A 158 -10.62 -1.90 -17.91
C VAL A 158 -10.80 -3.16 -17.07
N THR A 159 -11.79 -3.98 -17.40
CA THR A 159 -11.97 -5.26 -16.75
C THR A 159 -12.11 -6.29 -17.88
N TRP A 160 -12.03 -7.57 -17.51
CA TRP A 160 -12.21 -8.69 -18.41
C TRP A 160 -13.32 -9.57 -17.80
N ASN A 161 -14.32 -9.90 -18.61
CA ASN A 161 -15.52 -10.67 -18.23
C ASN A 161 -16.17 -10.13 -16.98
N SER A 162 -16.35 -8.80 -16.94
CA SER A 162 -16.93 -8.05 -15.83
C SER A 162 -16.15 -8.10 -14.55
N GLY A 163 -14.86 -8.32 -14.66
CA GLY A 163 -14.00 -8.45 -13.50
C GLY A 163 -13.84 -9.90 -13.03
N SER A 164 -14.53 -10.89 -13.69
CA SER A 164 -14.37 -12.27 -13.25
C SER A 164 -12.97 -12.82 -13.62
N LEU A 165 -12.37 -12.38 -14.76
CA LEU A 165 -11.00 -12.77 -15.07
C LEU A 165 -10.07 -11.86 -14.33
N SER A 166 -9.22 -12.43 -13.48
CA SER A 166 -8.31 -11.65 -12.67
C SER A 166 -6.94 -12.29 -12.50
N SER A 167 -6.55 -13.19 -13.41
CA SER A 167 -5.24 -13.85 -13.36
C SER A 167 -4.63 -13.64 -14.75
N GLY A 168 -3.34 -13.30 -14.82
CA GLY A 168 -2.69 -13.07 -16.12
C GLY A 168 -3.21 -11.89 -16.91
N VAL A 169 -3.61 -10.83 -16.22
CA VAL A 169 -4.10 -9.57 -16.81
C VAL A 169 -3.02 -8.49 -16.58
N HIS A 170 -2.68 -7.77 -17.63
CA HIS A 170 -1.76 -6.65 -17.54
C HIS A 170 -2.43 -5.42 -18.17
N THR A 171 -2.76 -4.40 -17.40
CA THR A 171 -3.31 -3.16 -17.93
C THR A 171 -2.21 -2.14 -17.83
N PHE A 172 -1.83 -1.58 -18.98
CA PHE A 172 -0.70 -0.68 -19.07
C PHE A 172 -1.12 0.74 -18.80
N PRO A 173 -0.20 1.53 -18.17
CA PRO A 173 -0.49 2.96 -17.99
C PRO A 173 -0.64 3.64 -19.36
N ALA A 174 -1.51 4.65 -19.40
CA ALA A 174 -1.80 5.41 -20.61
C ALA A 174 -0.62 6.23 -21.07
N VAL A 175 -0.50 6.36 -22.38
CA VAL A 175 0.49 7.24 -22.98
C VAL A 175 -0.25 8.33 -23.77
N LEU A 176 0.37 9.48 -23.89
CA LEU A 176 -0.17 10.60 -24.64
C LEU A 176 0.26 10.44 -26.10
N GLN A 177 -0.70 10.41 -27.00
CA GLN A 177 -0.47 10.25 -28.45
C GLN A 177 -1.44 11.22 -29.11
N SER A 178 -0.92 12.19 -29.88
CA SER A 178 -1.72 13.23 -30.55
C SER A 178 -2.65 13.96 -29.58
N ASP A 179 -2.09 14.35 -28.41
CA ASP A 179 -2.78 15.12 -27.36
C ASP A 179 -4.00 14.38 -26.72
N LEU A 180 -4.10 13.07 -26.96
CA LEU A 180 -5.15 12.23 -26.39
C LEU A 180 -4.49 11.02 -25.70
N TYR A 181 -5.22 10.32 -24.85
CA TYR A 181 -4.66 9.15 -24.17
C TYR A 181 -4.95 7.83 -24.87
N THR A 182 -3.98 6.91 -24.81
CA THR A 182 -4.08 5.57 -25.32
C THR A 182 -3.48 4.57 -24.34
N LEU A 183 -4.20 3.49 -24.09
CA LEU A 183 -3.66 2.38 -23.32
C LEU A 183 -4.13 1.07 -23.88
N SER A 184 -3.48 0.01 -23.47
CA SER A 184 -3.85 -1.33 -23.84
C SER A 184 -3.86 -2.25 -22.58
N SER A 185 -4.59 -3.36 -22.70
CA SER A 185 -4.69 -4.37 -21.65
C SER A 185 -4.55 -5.74 -22.28
N SER A 186 -3.75 -6.61 -21.67
CA SER A 186 -3.68 -8.00 -22.15
C SER A 186 -4.21 -8.97 -21.11
N VAL A 187 -4.69 -10.11 -21.57
CA VAL A 187 -5.12 -11.23 -20.74
C VAL A 187 -4.66 -12.55 -21.40
N THR A 188 -4.05 -13.44 -20.63
CA THR A 188 -3.57 -14.73 -21.11
C THR A 188 -4.44 -15.84 -20.47
N VAL A 189 -5.14 -16.63 -21.28
CA VAL A 189 -6.01 -17.74 -20.83
C VAL A 189 -5.66 -19.06 -21.57
N PRO A 190 -6.09 -20.26 -21.10
CA PRO A 190 -5.78 -21.49 -21.86
C PRO A 190 -6.45 -21.48 -23.22
N SER A 191 -5.75 -22.01 -24.24
CA SER A 191 -6.28 -22.12 -25.61
C SER A 191 -7.55 -22.95 -25.66
N SER A 192 -7.69 -23.93 -24.75
CA SER A 192 -8.91 -24.77 -24.68
C SER A 192 -10.15 -23.96 -24.30
N THR A 193 -9.96 -22.77 -23.71
CA THR A 193 -11.06 -21.89 -23.28
C THR A 193 -11.36 -20.76 -24.27
N TRP A 194 -10.50 -20.55 -25.27
CA TRP A 194 -10.74 -19.50 -26.26
C TRP A 194 -10.36 -20.00 -27.64
N PRO A 195 -11.27 -19.87 -28.63
CA PRO A 195 -12.57 -19.19 -28.57
C PRO A 195 -13.78 -19.99 -28.07
N SER A 196 -13.62 -21.16 -27.42
CA SER A 196 -14.79 -21.94 -26.95
C SER A 196 -15.68 -21.12 -26.00
N GLN A 197 -15.07 -20.49 -24.99
CA GLN A 197 -15.75 -19.63 -24.01
C GLN A 197 -15.47 -18.14 -24.38
N THR A 198 -16.39 -17.24 -24.02
CA THR A 198 -16.26 -15.84 -24.40
C THR A 198 -15.32 -15.02 -23.48
N VAL A 199 -14.57 -14.11 -24.11
CA VAL A 199 -13.66 -13.20 -23.43
C VAL A 199 -14.02 -11.79 -23.93
N THR A 200 -14.36 -10.89 -23.00
CA THR A 200 -14.78 -9.56 -23.34
C THR A 200 -14.09 -8.53 -22.45
N CYS A 201 -13.51 -7.46 -23.03
CA CYS A 201 -12.97 -6.38 -22.21
C CYS A 201 -14.08 -5.36 -22.02
N ASN A 202 -14.21 -4.85 -20.82
CA ASN A 202 -15.20 -3.86 -20.48
C ASN A 202 -14.43 -2.62 -20.15
N VAL A 203 -14.71 -1.53 -20.86
CA VAL A 203 -14.00 -0.27 -20.71
C VAL A 203 -15.01 0.79 -20.33
N ALA A 204 -14.74 1.52 -19.23
CA ALA A 204 -15.59 2.61 -18.78
C ALA A 204 -14.76 3.90 -18.74
N HIS A 205 -15.30 4.98 -19.32
CA HIS A 205 -14.68 6.30 -19.28
C HIS A 205 -15.68 7.20 -18.56
N PRO A 206 -15.50 7.38 -17.26
CA PRO A 206 -16.45 8.21 -16.48
C PRO A 206 -16.75 9.61 -17.04
N ALA A 207 -15.71 10.39 -17.40
CA ALA A 207 -15.83 11.77 -17.90
C ALA A 207 -16.75 11.96 -19.10
N SER A 208 -16.81 10.99 -20.01
CA SER A 208 -17.74 11.08 -21.15
C SER A 208 -18.96 10.13 -20.98
N SER A 209 -19.14 9.55 -19.78
CA SER A 209 -20.20 8.61 -19.43
C SER A 209 -20.34 7.49 -20.46
N THR A 210 -19.21 6.84 -20.81
CA THR A 210 -19.25 5.75 -21.80
C THR A 210 -18.86 4.41 -21.19
N LYS A 211 -19.59 3.38 -21.55
CA LYS A 211 -19.36 2.04 -21.05
C LYS A 211 -19.43 1.16 -22.27
N VAL A 212 -18.30 0.61 -22.71
CA VAL A 212 -18.20 -0.21 -23.91
C VAL A 212 -17.73 -1.64 -23.58
N ASP A 213 -18.32 -2.67 -24.24
CA ASP A 213 -17.92 -4.06 -24.05
C ASP A 213 -17.46 -4.64 -25.38
N LYS A 214 -16.17 -5.00 -25.48
CA LYS A 214 -15.65 -5.58 -26.72
C LYS A 214 -15.32 -7.06 -26.56
N LYS A 215 -16.07 -7.91 -27.25
CA LYS A 215 -15.87 -9.35 -27.23
C LYS A 215 -14.72 -9.66 -28.19
N ILE A 216 -13.74 -10.46 -27.74
CA ILE A 216 -12.61 -10.84 -28.58
C ILE A 216 -13.03 -12.02 -29.45
N VAL A 217 -13.16 -11.78 -30.75
CA VAL A 217 -13.60 -12.77 -31.71
C VAL A 217 -12.40 -13.17 -32.56
N PRO A 218 -12.22 -14.47 -32.85
CA PRO A 218 -11.06 -14.88 -33.67
C PRO A 218 -11.10 -14.29 -35.08
N ARG A 219 -9.93 -14.09 -35.69
CA ARG A 219 -9.86 -13.50 -37.04
C ARG A 219 -10.20 -14.51 -38.16
N ASP A 220 -10.56 -14.02 -39.36
CA ASP A 220 -10.84 -14.88 -40.52
C ASP A 220 -9.86 -14.57 -41.66
N ASP B 2 23.14 27.12 -1.24
CA ASP B 2 22.08 26.14 -1.31
C ASP B 2 22.55 24.76 -0.83
N ILE B 3 21.63 23.96 -0.26
CA ILE B 3 21.99 22.64 0.23
C ILE B 3 21.47 21.54 -0.68
N GLN B 4 22.39 20.80 -1.28
CA GLN B 4 22.06 19.70 -2.16
C GLN B 4 22.08 18.41 -1.35
N MET B 5 21.00 17.63 -1.41
CA MET B 5 20.94 16.34 -0.75
C MET B 5 21.15 15.27 -1.79
N THR B 6 22.30 14.63 -1.79
CA THR B 6 22.61 13.57 -2.77
C THR B 6 22.22 12.20 -2.18
N GLN B 7 21.15 11.59 -2.70
CA GLN B 7 20.59 10.30 -2.25
C GLN B 7 21.04 9.12 -3.12
N SER B 8 21.57 8.08 -2.46
CA SER B 8 22.02 6.89 -3.16
C SER B 8 21.74 5.60 -2.38
N PRO B 9 21.48 4.48 -3.09
CA PRO B 9 21.32 4.39 -4.56
C PRO B 9 19.97 4.99 -5.00
N SER B 10 19.85 5.29 -6.29
CA SER B 10 18.57 5.79 -6.81
C SER B 10 17.55 4.64 -6.92
N SER B 11 18.02 3.42 -7.18
CA SER B 11 17.20 2.22 -7.27
C SER B 11 17.88 1.08 -6.49
N LEU B 12 17.07 0.23 -5.86
CA LEU B 12 17.63 -0.88 -5.08
C LEU B 12 16.72 -2.09 -5.13
N SER B 13 17.26 -3.25 -5.50
CA SER B 13 16.53 -4.51 -5.54
C SER B 13 16.88 -5.28 -4.27
N ALA B 14 15.87 -5.78 -3.54
CA ALA B 14 16.14 -6.50 -2.28
C ALA B 14 15.08 -7.57 -1.96
N SER B 15 15.39 -8.51 -1.07
CA SER B 15 14.48 -9.59 -0.71
C SER B 15 13.93 -9.39 0.70
N LEU B 16 12.82 -10.11 1.05
CA LEU B 16 12.24 -10.09 2.39
C LEU B 16 13.30 -10.53 3.42
N GLY B 17 13.29 -9.89 4.59
CA GLY B 17 14.25 -10.19 5.64
C GLY B 17 15.64 -9.66 5.44
N GLU B 18 15.89 -8.99 4.30
CA GLU B 18 17.20 -8.40 4.04
C GLU B 18 17.37 -7.08 4.82
N ARG B 19 18.60 -6.73 5.15
CA ARG B 19 18.90 -5.49 5.86
C ARG B 19 19.36 -4.50 4.79
N VAL B 20 18.72 -3.32 4.70
CA VAL B 20 19.10 -2.34 3.69
C VAL B 20 19.35 -0.96 4.30
N SER B 21 20.29 -0.22 3.73
CA SER B 21 20.60 1.13 4.16
C SER B 21 20.59 2.07 2.96
N LEU B 22 19.90 3.22 3.10
CA LEU B 22 19.84 4.26 2.08
C LEU B 22 20.59 5.46 2.63
N THR B 23 21.42 6.13 1.82
CA THR B 23 22.20 7.27 2.31
C THR B 23 21.84 8.59 1.62
N CYS B 24 21.94 9.71 2.37
CA CYS B 24 21.79 11.09 1.92
C CYS B 24 22.99 11.91 2.39
N ARG B 25 23.78 12.42 1.45
CA ARG B 25 24.91 13.26 1.75
C ARG B 25 24.50 14.71 1.50
N ALA B 26 24.65 15.53 2.51
CA ALA B 26 24.36 16.94 2.46
C ALA B 26 25.64 17.65 2.01
N SER B 27 25.55 18.51 0.99
CA SER B 27 26.66 19.30 0.41
C SER B 27 27.34 20.24 1.42
N ARG B 28 26.62 20.60 2.49
CA ARG B 28 27.13 21.42 3.60
C ARG B 28 26.42 21.04 4.92
N GLU B 29 26.97 21.48 6.07
CA GLU B 29 26.46 21.13 7.40
C GLU B 29 24.95 21.34 7.62
N ILE B 30 24.23 20.27 7.99
CA ILE B 30 22.79 20.38 8.24
C ILE B 30 22.41 20.07 9.72
N SER B 31 23.40 19.75 10.58
CA SER B 31 23.26 19.57 12.04
C SER B 31 22.13 18.61 12.47
N GLY B 32 21.95 17.55 11.73
CA GLY B 32 20.94 16.55 12.03
C GLY B 32 19.49 16.94 11.76
N TYR B 33 19.23 18.05 11.03
CA TYR B 33 17.85 18.45 10.70
C TYR B 33 17.49 17.75 9.39
N LEU B 34 17.26 16.44 9.48
CA LEU B 34 17.02 15.58 8.33
C LEU B 34 15.81 14.68 8.58
N THR B 35 14.89 14.66 7.61
CA THR B 35 13.69 13.85 7.64
C THR B 35 13.74 12.77 6.57
N TRP B 36 13.26 11.57 6.89
CA TRP B 36 13.13 10.47 5.93
C TRP B 36 11.65 10.23 5.74
N LEU B 37 11.21 10.20 4.48
CA LEU B 37 9.82 10.02 4.06
C LEU B 37 9.70 8.76 3.23
N GLN B 38 8.53 8.13 3.31
CA GLN B 38 8.24 6.95 2.51
C GLN B 38 7.01 7.26 1.68
N GLN B 39 7.06 6.93 0.39
CA GLN B 39 5.92 7.07 -0.46
C GLN B 39 5.54 5.71 -0.97
N LYS B 40 4.31 5.31 -0.69
CA LYS B 40 3.82 4.00 -1.13
C LYS B 40 3.41 4.08 -2.60
N PRO B 41 3.31 2.94 -3.33
CA PRO B 41 2.92 2.99 -4.75
C PRO B 41 1.64 3.77 -5.07
N ASP B 42 0.66 3.87 -4.11
CA ASP B 42 -0.56 4.68 -4.31
C ASP B 42 -0.35 6.22 -4.20
N GLY B 43 0.81 6.64 -3.71
CA GLY B 43 1.13 8.06 -3.56
C GLY B 43 1.14 8.57 -2.13
N THR B 44 0.65 7.77 -1.18
CA THR B 44 0.60 8.19 0.22
C THR B 44 2.00 8.33 0.83
N ILE B 45 2.24 9.50 1.39
CA ILE B 45 3.51 9.86 2.02
C ILE B 45 3.37 9.70 3.52
N LYS B 46 4.39 9.09 4.17
CA LYS B 46 4.41 9.00 5.62
C LYS B 46 5.82 9.28 6.13
N ARG B 47 5.92 10.08 7.19
CA ARG B 47 7.20 10.42 7.78
C ARG B 47 7.72 9.23 8.59
N LEU B 48 8.95 8.77 8.31
CA LEU B 48 9.54 7.68 9.07
C LEU B 48 10.34 8.24 10.23
N ILE B 49 11.25 9.18 9.93
CA ILE B 49 12.14 9.77 10.92
C ILE B 49 12.31 11.27 10.69
N TYR B 50 12.41 12.02 11.79
CA TYR B 50 12.77 13.43 11.79
C TYR B 50 14.00 13.59 12.71
N ALA B 51 14.68 14.75 12.63
CA ALA B 51 15.89 15.04 13.39
C ALA B 51 16.96 13.95 13.24
N ALA B 52 17.03 13.34 12.04
CA ALA B 52 17.99 12.33 11.58
C ALA B 52 17.89 10.96 12.24
N SER B 53 17.45 10.88 13.51
CA SER B 53 17.41 9.61 14.21
C SER B 53 16.16 9.38 15.05
N THR B 54 15.29 10.39 15.19
CA THR B 54 14.07 10.26 15.99
C THR B 54 12.97 9.57 15.19
N LEU B 55 12.56 8.39 15.66
CA LEU B 55 11.49 7.63 15.03
C LEU B 55 10.17 8.29 15.35
N ASP B 56 9.31 8.40 14.33
CA ASP B 56 8.00 8.98 14.52
C ASP B 56 7.07 7.93 15.12
N SER B 57 6.07 8.37 15.91
CA SER B 57 5.10 7.45 16.51
C SER B 57 4.25 6.86 15.38
N GLY B 58 4.02 5.55 15.41
CA GLY B 58 3.28 4.88 14.34
C GLY B 58 4.17 4.44 13.19
N VAL B 59 5.46 4.25 13.48
CA VAL B 59 6.46 3.80 12.52
C VAL B 59 7.10 2.58 13.19
N PRO B 60 7.18 1.44 12.49
CA PRO B 60 7.75 0.24 13.11
C PRO B 60 9.24 0.36 13.47
N LYS B 61 9.67 -0.44 14.48
CA LYS B 61 11.02 -0.46 15.06
C LYS B 61 12.13 -0.92 14.12
N ARG B 62 11.77 -1.63 13.01
CA ARG B 62 12.79 -2.04 12.04
C ARG B 62 13.47 -0.80 11.35
N PHE B 63 12.82 0.37 11.39
CA PHE B 63 13.33 1.61 10.81
C PHE B 63 14.21 2.35 11.83
N SER B 64 15.34 2.85 11.39
CA SER B 64 16.22 3.66 12.24
C SER B 64 17.05 4.60 11.37
N GLY B 65 17.34 5.77 11.91
CA GLY B 65 18.14 6.77 11.23
C GLY B 65 19.43 6.99 11.97
N SER B 66 20.51 7.18 11.22
CA SER B 66 21.83 7.42 11.82
C SER B 66 22.60 8.46 11.00
N ARG B 67 23.77 8.85 11.49
CA ARG B 67 24.60 9.84 10.83
C ARG B 67 26.06 9.50 11.06
N SER B 68 26.88 9.51 10.01
CA SER B 68 28.30 9.26 10.17
C SER B 68 28.99 10.64 10.18
N GLY B 69 29.03 11.34 9.04
CA GLY B 69 29.58 12.68 9.00
C GLY B 69 28.54 13.55 8.34
N SER B 70 28.70 13.76 7.04
CA SER B 70 27.66 14.42 6.25
C SER B 70 26.73 13.35 5.60
N ASP B 71 26.94 12.03 5.90
CA ASP B 71 26.17 10.90 5.42
C ASP B 71 25.10 10.53 6.45
N TYR B 72 23.84 10.64 6.04
CA TYR B 72 22.72 10.30 6.88
C TYR B 72 22.15 9.03 6.33
N SER B 73 21.90 8.05 7.19
CA SER B 73 21.39 6.76 6.70
C SER B 73 20.04 6.39 7.24
N LEU B 74 19.24 5.75 6.41
CA LEU B 74 17.96 5.19 6.81
C LEU B 74 18.19 3.68 6.70
N THR B 75 18.10 2.94 7.80
CA THR B 75 18.30 1.50 7.78
C THR B 75 17.00 0.77 8.10
N ILE B 76 16.73 -0.30 7.36
CA ILE B 76 15.61 -1.19 7.60
C ILE B 76 16.27 -2.54 7.95
N SER B 77 16.22 -2.94 9.23
CA SER B 77 16.88 -4.15 9.72
C SER B 77 16.44 -5.45 9.03
N SER B 78 15.14 -5.58 8.75
CA SER B 78 14.62 -6.75 8.06
C SER B 78 13.42 -6.33 7.22
N LEU B 79 13.61 -6.36 5.92
CA LEU B 79 12.63 -5.92 4.94
C LEU B 79 11.30 -6.69 4.97
N GLU B 80 10.19 -5.96 4.98
CA GLU B 80 8.86 -6.53 4.92
C GLU B 80 8.16 -6.12 3.60
N SER B 81 7.03 -6.75 3.25
CA SER B 81 6.34 -6.52 1.98
C SER B 81 5.93 -5.06 1.77
N GLU B 82 5.47 -4.43 2.83
CA GLU B 82 5.03 -3.04 2.89
C GLU B 82 6.21 -2.05 2.65
N ASP B 83 7.47 -2.50 2.85
CA ASP B 83 8.65 -1.67 2.71
C ASP B 83 9.12 -1.42 1.27
N PHE B 84 8.60 -2.18 0.30
CA PHE B 84 8.95 -1.99 -1.10
C PHE B 84 8.16 -0.78 -1.57
N ALA B 85 8.83 0.39 -1.56
CA ALA B 85 8.24 1.71 -1.76
C ALA B 85 9.36 2.76 -2.09
N ASP B 86 9.00 4.05 -2.28
CA ASP B 86 9.96 5.11 -2.57
C ASP B 86 10.35 5.80 -1.28
N TYR B 87 11.60 6.16 -1.16
CA TYR B 87 12.11 6.83 0.03
C TYR B 87 12.78 8.13 -0.35
N TYR B 88 12.58 9.17 0.45
CA TYR B 88 13.18 10.47 0.19
C TYR B 88 13.65 11.04 1.48
N CYS B 89 14.78 11.72 1.42
CA CYS B 89 15.25 12.47 2.55
C CYS B 89 14.88 13.96 2.29
N LEU B 90 14.92 14.76 3.36
CA LEU B 90 14.55 16.17 3.28
C LEU B 90 15.31 16.93 4.33
N GLN B 91 16.09 17.93 3.92
CA GLN B 91 16.78 18.77 4.91
C GLN B 91 15.96 19.98 5.23
N TYR B 92 15.93 20.36 6.50
CA TYR B 92 15.24 21.56 6.92
C TYR B 92 16.12 22.47 7.79
N ALA B 93 17.44 22.36 7.62
CA ALA B 93 18.44 23.15 8.34
C ALA B 93 18.48 24.59 7.86
N SER B 94 18.15 24.81 6.57
CA SER B 94 18.26 26.12 5.95
C SER B 94 17.23 26.26 4.84
N TYR B 95 16.75 27.48 4.61
CA TYR B 95 15.85 27.76 3.50
C TYR B 95 16.71 28.06 2.27
N PRO B 96 16.33 27.56 1.08
CA PRO B 96 15.17 26.71 0.79
C PRO B 96 15.37 25.27 1.29
N TRP B 97 14.29 24.60 1.77
CA TRP B 97 14.40 23.20 2.14
C TRP B 97 14.59 22.40 0.84
N THR B 98 15.32 21.28 0.92
CA THR B 98 15.59 20.50 -0.28
C THR B 98 15.41 19.00 -0.08
N PHE B 99 14.90 18.32 -1.11
CA PHE B 99 14.73 16.87 -1.05
C PHE B 99 15.91 16.17 -1.72
N GLY B 100 16.17 14.95 -1.28
CA GLY B 100 17.06 14.07 -2.01
C GLY B 100 16.32 13.55 -3.24
N GLY B 101 17.05 13.03 -4.23
CA GLY B 101 16.48 12.55 -5.48
C GLY B 101 15.59 11.31 -5.40
N GLY B 102 15.58 10.67 -4.24
CA GLY B 102 14.79 9.48 -4.01
C GLY B 102 15.46 8.14 -4.25
N THR B 103 14.88 7.08 -3.66
CA THR B 103 15.30 5.69 -3.78
C THR B 103 14.08 4.83 -4.03
N LYS B 104 14.08 4.11 -5.13
CA LYS B 104 13.01 3.20 -5.47
C LYS B 104 13.44 1.79 -4.96
N LEU B 105 12.77 1.27 -3.94
CA LEU B 105 13.10 -0.06 -3.41
C LEU B 105 12.17 -1.10 -4.02
N GLU B 106 12.71 -1.99 -4.86
CA GLU B 106 11.91 -3.01 -5.51
C GLU B 106 12.32 -4.45 -5.09
N ILE B 107 11.47 -5.44 -5.38
CA ILE B 107 11.70 -6.84 -5.04
C ILE B 107 12.68 -7.53 -5.99
N LYS B 108 13.73 -8.15 -5.42
CA LYS B 108 14.70 -8.90 -6.23
C LYS B 108 14.10 -10.29 -6.52
N ARG B 109 14.26 -10.76 -7.74
CA ARG B 109 13.79 -12.08 -8.15
C ARG B 109 14.67 -12.62 -9.28
N ALA B 110 14.51 -13.88 -9.66
CA ALA B 110 15.34 -14.47 -10.72
C ALA B 110 15.03 -13.85 -12.09
N ASP B 111 15.98 -13.92 -13.04
CA ASP B 111 15.75 -13.35 -14.37
C ASP B 111 14.72 -14.18 -15.14
N ALA B 112 13.94 -13.51 -15.98
CA ALA B 112 12.93 -14.17 -16.79
C ALA B 112 12.79 -13.46 -18.10
N ALA B 113 12.75 -14.23 -19.20
CA ALA B 113 12.53 -13.72 -20.54
C ALA B 113 11.06 -13.31 -20.70
N PRO B 114 10.73 -12.36 -21.60
CA PRO B 114 9.32 -11.99 -21.79
C PRO B 114 8.59 -12.94 -22.70
N THR B 115 7.27 -12.99 -22.55
CA THR B 115 6.39 -13.74 -23.43
C THR B 115 5.93 -12.64 -24.40
N VAL B 116 6.33 -12.74 -25.66
CA VAL B 116 6.06 -11.73 -26.66
C VAL B 116 4.86 -12.07 -27.53
N SER B 117 3.94 -11.10 -27.70
CA SER B 117 2.76 -11.32 -28.54
C SER B 117 2.60 -10.14 -29.50
N ILE B 118 2.28 -10.41 -30.78
CA ILE B 118 2.04 -9.34 -31.74
C ILE B 118 0.58 -9.41 -32.22
N PHE B 119 -0.05 -8.24 -32.33
CA PHE B 119 -1.44 -8.09 -32.76
C PHE B 119 -1.56 -7.13 -33.93
N PRO B 120 -2.20 -7.59 -35.00
CA PRO B 120 -2.48 -6.68 -36.13
C PRO B 120 -3.57 -5.66 -35.77
N PRO B 121 -3.73 -4.58 -36.56
CA PRO B 121 -4.84 -3.65 -36.30
C PRO B 121 -6.17 -4.36 -36.51
N SER B 122 -7.14 -4.05 -35.66
CA SER B 122 -8.47 -4.64 -35.77
C SER B 122 -9.17 -4.11 -37.03
N SER B 123 -10.13 -4.88 -37.56
CA SER B 123 -10.92 -4.45 -38.71
C SER B 123 -11.65 -3.15 -38.42
N GLU B 124 -12.15 -2.99 -37.18
CA GLU B 124 -12.88 -1.81 -36.71
C GLU B 124 -12.03 -0.54 -36.75
N GLN B 125 -10.75 -0.66 -36.37
CA GLN B 125 -9.85 0.49 -36.43
C GLN B 125 -9.54 0.83 -37.87
N LEU B 126 -9.30 -0.18 -38.71
CA LEU B 126 -9.01 0.06 -40.12
C LEU B 126 -10.15 0.82 -40.83
N THR B 127 -11.41 0.69 -40.36
CA THR B 127 -12.51 1.48 -40.95
C THR B 127 -12.42 2.96 -40.56
N SER B 128 -11.84 3.27 -39.40
CA SER B 128 -11.65 4.62 -38.90
C SER B 128 -10.50 5.39 -39.58
N GLY B 129 -9.66 4.72 -40.36
CA GLY B 129 -8.54 5.37 -41.02
C GLY B 129 -7.20 5.30 -40.30
N GLY B 130 -7.17 4.64 -39.14
CA GLY B 130 -5.95 4.48 -38.36
C GLY B 130 -5.54 3.02 -38.25
N ALA B 131 -4.28 2.75 -37.95
CA ALA B 131 -3.79 1.38 -37.79
C ALA B 131 -2.70 1.32 -36.72
N SER B 132 -2.99 0.70 -35.60
CA SER B 132 -2.01 0.52 -34.51
C SER B 132 -1.64 -0.96 -34.48
N VAL B 133 -0.37 -1.24 -34.36
CA VAL B 133 0.15 -2.58 -34.29
C VAL B 133 0.67 -2.70 -32.87
N VAL B 134 0.15 -3.70 -32.15
CA VAL B 134 0.50 -3.85 -30.73
C VAL B 134 1.35 -5.07 -30.42
N CYS B 135 2.38 -4.85 -29.61
CA CYS B 135 3.24 -5.90 -29.18
C CYS B 135 3.31 -5.91 -27.66
N PHE B 136 3.04 -7.06 -27.02
CA PHE B 136 3.15 -7.17 -25.56
C PHE B 136 4.42 -7.93 -25.23
N LEU B 137 5.19 -7.46 -24.26
CA LEU B 137 6.38 -8.13 -23.79
C LEU B 137 6.07 -8.38 -22.32
N ASN B 138 5.61 -9.59 -21.98
CA ASN B 138 5.08 -9.81 -20.63
C ASN B 138 5.89 -10.70 -19.72
N ASN B 139 5.81 -10.39 -18.43
CA ASN B 139 6.39 -11.16 -17.36
C ASN B 139 7.89 -11.41 -17.51
N PHE B 140 8.64 -10.31 -17.53
CA PHE B 140 10.09 -10.37 -17.65
C PHE B 140 10.79 -9.74 -16.44
N TYR B 141 12.05 -10.11 -16.24
CA TYR B 141 12.86 -9.57 -15.15
C TYR B 141 14.32 -9.69 -15.57
N PRO B 142 15.15 -8.64 -15.40
CA PRO B 142 14.85 -7.32 -14.80
C PRO B 142 14.12 -6.36 -15.74
N LYS B 143 13.75 -5.15 -15.24
CA LYS B 143 13.00 -4.15 -16.00
C LYS B 143 13.62 -3.71 -17.37
N ASP B 144 14.95 -3.65 -17.46
CA ASP B 144 15.62 -3.22 -18.70
C ASP B 144 15.33 -4.12 -19.88
N ILE B 145 14.76 -3.57 -20.93
CA ILE B 145 14.44 -4.31 -22.15
C ILE B 145 14.49 -3.39 -23.37
N ASN B 146 14.70 -3.96 -24.57
CA ASN B 146 14.70 -3.19 -25.79
C ASN B 146 13.75 -3.81 -26.80
N VAL B 147 12.96 -3.01 -27.46
CA VAL B 147 12.03 -3.48 -28.48
C VAL B 147 12.39 -2.82 -29.79
N LYS B 148 12.39 -3.59 -30.89
CA LYS B 148 12.69 -3.09 -32.22
C LYS B 148 11.53 -3.48 -33.11
N TRP B 149 11.04 -2.56 -33.93
CA TRP B 149 9.98 -2.86 -34.89
C TRP B 149 10.58 -2.93 -36.29
N LYS B 150 10.02 -3.79 -37.14
CA LYS B 150 10.42 -3.92 -38.53
C LYS B 150 9.18 -4.05 -39.41
N ILE B 151 9.27 -3.50 -40.64
CA ILE B 151 8.22 -3.56 -41.65
C ILE B 151 8.88 -4.05 -42.94
N ASP B 152 8.49 -5.25 -43.42
CA ASP B 152 9.09 -5.90 -44.61
C ASP B 152 10.62 -6.02 -44.43
N GLY B 153 11.04 -6.45 -43.25
CA GLY B 153 12.44 -6.68 -42.92
C GLY B 153 13.27 -5.49 -42.51
N SER B 154 12.72 -4.26 -42.58
CA SER B 154 13.51 -3.07 -42.21
C SER B 154 13.03 -2.34 -40.96
N GLU B 155 13.98 -1.99 -40.08
CA GLU B 155 13.71 -1.28 -38.85
C GLU B 155 12.89 0.00 -39.07
N ARG B 156 11.89 0.20 -38.20
CA ARG B 156 10.98 1.32 -38.18
C ARG B 156 11.13 2.00 -36.80
N GLN B 157 11.81 3.14 -36.74
CA GLN B 157 12.08 3.84 -35.49
C GLN B 157 11.06 4.93 -35.14
N ASN B 158 10.30 5.45 -36.10
CA ASN B 158 9.33 6.50 -35.83
C ASN B 158 7.87 5.97 -35.68
N GLY B 159 7.10 6.59 -34.81
CA GLY B 159 5.71 6.21 -34.57
C GLY B 159 5.49 5.15 -33.50
N VAL B 160 6.49 4.95 -32.62
CA VAL B 160 6.47 3.93 -31.58
C VAL B 160 6.29 4.54 -30.19
N LEU B 161 5.35 3.99 -29.40
CA LEU B 161 5.08 4.44 -28.02
C LEU B 161 5.04 3.22 -27.11
N ASN B 162 5.79 3.30 -26.00
CA ASN B 162 5.94 2.22 -25.05
C ASN B 162 5.40 2.61 -23.68
N SER B 163 4.92 1.62 -22.94
CA SER B 163 4.37 1.77 -21.60
C SER B 163 4.77 0.58 -20.70
N TRP B 164 5.16 0.84 -19.46
CA TRP B 164 5.65 -0.21 -18.57
C TRP B 164 4.76 -0.34 -17.35
N THR B 165 4.47 -1.57 -16.92
CA THR B 165 3.70 -1.78 -15.69
C THR B 165 4.67 -1.72 -14.47
N ASP B 166 4.10 -1.62 -13.27
CA ASP B 166 4.82 -1.74 -12.00
C ASP B 166 5.05 -3.26 -11.75
N GLN B 167 5.82 -3.60 -10.69
CA GLN B 167 6.10 -5.00 -10.34
C GLN B 167 4.86 -5.80 -10.08
N ASP B 168 4.71 -6.93 -10.79
CA ASP B 168 3.53 -7.76 -10.65
C ASP B 168 3.36 -8.32 -9.21
N SER B 169 2.13 -8.26 -8.69
CA SER B 169 1.80 -8.73 -7.34
C SER B 169 1.97 -10.24 -7.24
N LYS B 170 1.72 -11.00 -8.33
CA LYS B 170 1.90 -12.44 -8.29
C LYS B 170 3.37 -12.89 -8.32
N ASP B 171 4.13 -12.56 -9.39
CA ASP B 171 5.48 -13.05 -9.60
C ASP B 171 6.63 -12.02 -9.55
N SER B 172 6.34 -10.72 -9.32
CA SER B 172 7.35 -9.65 -9.22
C SER B 172 8.09 -9.34 -10.54
N THR B 173 7.47 -9.68 -11.66
CA THR B 173 8.01 -9.39 -12.98
C THR B 173 7.48 -8.02 -13.47
N TYR B 174 7.99 -7.57 -14.61
CA TYR B 174 7.58 -6.34 -15.29
C TYR B 174 6.98 -6.76 -16.61
N SER B 175 6.10 -5.93 -17.14
CA SER B 175 5.55 -6.13 -18.48
C SER B 175 5.65 -4.80 -19.24
N MET B 176 5.56 -4.85 -20.57
CA MET B 176 5.71 -3.67 -21.38
C MET B 176 4.89 -3.80 -22.62
N SER B 177 4.19 -2.77 -23.01
CA SER B 177 3.47 -2.76 -24.29
C SER B 177 4.22 -1.80 -25.22
N SER B 178 4.29 -2.16 -26.50
CA SER B 178 4.89 -1.30 -27.51
C SER B 178 3.91 -1.21 -28.65
N THR B 179 3.60 0.01 -29.05
CA THR B 179 2.64 0.25 -30.08
C THR B 179 3.22 1.06 -31.23
N LEU B 180 3.01 0.57 -32.44
CA LEU B 180 3.44 1.25 -33.65
C LEU B 180 2.20 1.81 -34.32
N THR B 181 2.07 3.14 -34.36
CA THR B 181 0.90 3.77 -34.98
C THR B 181 1.21 4.24 -36.39
N LEU B 182 0.42 3.80 -37.35
CA LEU B 182 0.56 4.22 -38.75
C LEU B 182 -0.83 4.61 -39.23
N THR B 183 -0.93 5.26 -40.41
CA THR B 183 -2.25 5.52 -40.98
C THR B 183 -2.72 4.20 -41.63
N LYS B 184 -4.02 4.08 -41.94
CA LYS B 184 -4.58 2.92 -42.64
C LYS B 184 -3.92 2.77 -44.03
N ASP B 185 -3.65 3.90 -44.73
CA ASP B 185 -3.01 3.85 -46.06
C ASP B 185 -1.58 3.39 -45.93
N GLU B 186 -0.85 3.89 -44.93
CA GLU B 186 0.53 3.48 -44.68
C GLU B 186 0.58 1.99 -44.35
N TYR B 187 -0.39 1.51 -43.57
CA TYR B 187 -0.47 0.10 -43.19
C TYR B 187 -0.69 -0.81 -44.40
N GLU B 188 -1.62 -0.42 -45.28
CA GLU B 188 -2.01 -1.17 -46.48
C GLU B 188 -0.96 -1.19 -47.58
N ARG B 189 0.17 -0.49 -47.41
CA ARG B 189 1.26 -0.52 -48.37
C ARG B 189 2.32 -1.57 -48.00
N HIS B 190 2.20 -2.24 -46.83
CA HIS B 190 3.23 -3.18 -46.40
C HIS B 190 2.67 -4.55 -46.09
N ASN B 191 3.55 -5.55 -46.12
CA ASN B 191 3.12 -6.94 -45.92
C ASN B 191 3.49 -7.48 -44.54
N SER B 192 4.77 -7.48 -44.16
CA SER B 192 5.21 -8.03 -42.88
C SER B 192 5.41 -6.98 -41.82
N TYR B 193 5.00 -7.29 -40.59
CA TYR B 193 5.18 -6.44 -39.41
C TYR B 193 5.79 -7.32 -38.33
N THR B 194 6.92 -6.89 -37.77
CA THR B 194 7.64 -7.68 -36.79
C THR B 194 8.04 -6.85 -35.58
N CYS B 195 7.90 -7.45 -34.42
CA CYS B 195 8.26 -6.94 -33.12
C CYS B 195 9.37 -7.88 -32.63
N GLU B 196 10.54 -7.32 -32.22
CA GLU B 196 11.65 -8.11 -31.69
C GLU B 196 12.03 -7.61 -30.32
N ALA B 197 12.18 -8.51 -29.33
CA ALA B 197 12.58 -8.07 -28.00
C ALA B 197 14.00 -8.50 -27.67
N THR B 198 14.79 -7.61 -27.04
CA THR B 198 16.15 -7.97 -26.62
C THR B 198 16.21 -7.77 -25.11
N HIS B 199 16.60 -8.79 -24.40
CA HIS B 199 16.60 -8.78 -22.94
C HIS B 199 17.84 -9.53 -22.48
N LYS B 200 18.39 -9.16 -21.30
CA LYS B 200 19.64 -9.78 -20.81
C LYS B 200 19.60 -11.31 -20.74
N THR B 201 18.39 -11.89 -20.57
CA THR B 201 18.18 -13.33 -20.49
C THR B 201 18.73 -14.09 -21.69
N SER B 202 18.93 -13.40 -22.85
CA SER B 202 19.46 -14.04 -24.07
C SER B 202 20.15 -13.07 -25.07
N THR B 203 21.08 -13.60 -25.89
CA THR B 203 21.79 -12.80 -26.90
C THR B 203 20.94 -12.60 -28.15
N SER B 204 20.15 -13.61 -28.50
CA SER B 204 19.28 -13.52 -29.67
C SER B 204 17.92 -12.95 -29.26
N PRO B 205 17.31 -12.13 -30.11
CA PRO B 205 16.01 -11.56 -29.77
C PRO B 205 14.82 -12.52 -29.94
N ILE B 206 13.75 -12.29 -29.17
CA ILE B 206 12.52 -13.04 -29.35
C ILE B 206 11.78 -12.33 -30.45
N VAL B 207 11.44 -13.03 -31.53
CA VAL B 207 10.85 -12.41 -32.69
C VAL B 207 9.41 -12.84 -32.95
N LYS B 208 8.49 -11.88 -33.11
CA LYS B 208 7.10 -12.20 -33.45
C LYS B 208 6.68 -11.40 -34.67
N SER B 209 6.00 -12.06 -35.61
CA SER B 209 5.58 -11.42 -36.86
C SER B 209 4.22 -11.93 -37.34
N PHE B 210 3.64 -11.18 -38.28
CA PHE B 210 2.45 -11.52 -39.00
C PHE B 210 2.56 -10.93 -40.43
N ASN B 211 1.72 -11.42 -41.34
CA ASN B 211 1.62 -10.91 -42.71
C ASN B 211 0.21 -10.35 -42.79
N ARG B 212 0.09 -9.10 -43.25
CA ARG B 212 -1.16 -8.34 -43.35
C ARG B 212 -2.39 -9.15 -43.80
N ASN B 213 -2.39 -9.74 -45.01
CA ASN B 213 -3.58 -10.48 -45.45
C ASN B 213 -3.49 -11.99 -45.16
N GLU B 214 -3.61 -12.40 -43.88
CA GLU B 214 -3.55 -13.81 -43.49
C GLU B 214 -4.81 -14.29 -42.76
N LEU C 6 0.89 69.06 45.08
CA LEU C 6 0.26 68.93 43.78
C LEU C 6 1.03 67.95 42.89
N CYS C 7 0.34 66.87 42.47
CA CYS C 7 0.91 65.76 41.71
C CYS C 7 1.43 66.13 40.32
N PRO C 8 2.56 65.50 39.92
CA PRO C 8 3.14 65.82 38.60
C PRO C 8 2.48 65.08 37.45
N PHE C 9 1.14 65.18 37.34
CA PHE C 9 0.39 64.60 36.23
C PHE C 9 0.67 65.30 34.90
N GLY C 10 1.09 66.56 34.95
CA GLY C 10 1.45 67.34 33.78
C GLY C 10 2.65 66.78 33.04
N GLU C 11 3.57 66.13 33.78
CA GLU C 11 4.75 65.48 33.19
C GLU C 11 4.36 64.21 32.41
N VAL C 12 3.32 63.50 32.88
CA VAL C 12 2.82 62.27 32.27
C VAL C 12 1.97 62.54 31.02
N PHE C 13 0.86 63.29 31.16
CA PHE C 13 -0.03 63.62 30.04
C PHE C 13 0.60 64.55 28.97
N ASN C 14 1.42 65.53 29.38
CA ASN C 14 1.99 66.48 28.42
C ASN C 14 3.39 66.19 27.94
N ALA C 15 4.00 65.03 28.24
CA ALA C 15 5.35 64.74 27.73
C ALA C 15 5.41 64.82 26.19
N THR C 16 6.47 65.39 25.60
CA THR C 16 6.57 65.47 24.14
C THR C 16 6.66 64.05 23.54
N ARG C 17 7.45 63.20 24.20
CA ARG C 17 7.64 61.85 23.73
C ARG C 17 7.00 60.82 24.62
N PHE C 18 6.30 59.91 23.98
CA PHE C 18 5.70 58.80 24.68
C PHE C 18 6.52 57.56 24.36
N ALA C 19 6.48 56.61 25.27
CA ALA C 19 7.21 55.37 25.11
C ALA C 19 6.52 54.47 24.07
N SER C 20 7.27 53.51 23.52
CA SER C 20 6.69 52.46 22.67
C SER C 20 5.95 51.54 23.63
N VAL C 21 4.79 50.96 23.19
CA VAL C 21 3.98 50.08 24.04
C VAL C 21 4.78 48.91 24.62
N TYR C 22 5.71 48.31 23.85
CA TYR C 22 6.49 47.19 24.37
C TYR C 22 7.40 47.63 25.55
N ALA C 23 7.89 48.86 25.53
CA ALA C 23 8.77 49.42 26.56
C ALA C 23 8.01 50.48 27.33
N TRP C 24 6.71 50.20 27.63
CA TRP C 24 5.79 51.08 28.31
C TRP C 24 6.39 51.75 29.53
N ASN C 25 6.18 53.05 29.63
CA ASN C 25 6.75 53.81 30.73
C ASN C 25 5.92 53.71 31.99
N ARG C 26 6.57 53.71 33.14
CA ARG C 26 5.88 53.69 34.42
C ARG C 26 6.39 54.85 35.26
N LYS C 27 5.47 55.61 35.85
CA LYS C 27 5.83 56.69 36.74
C LYS C 27 4.99 56.60 38.00
N ARG C 28 5.65 56.48 39.16
CA ARG C 28 4.93 56.41 40.42
C ARG C 28 4.68 57.80 41.00
N ILE C 29 3.44 58.06 41.37
CA ILE C 29 2.99 59.32 41.95
C ILE C 29 2.76 59.01 43.44
N SER C 30 3.40 59.77 44.37
CA SER C 30 3.29 59.41 45.81
C SER C 30 2.73 60.54 46.77
N ASN C 31 3.58 61.32 47.49
CA ASN C 31 3.15 62.32 48.48
C ASN C 31 2.68 63.65 47.86
N CYS C 32 1.49 63.65 47.26
CA CYS C 32 0.96 64.83 46.61
C CYS C 32 -0.59 64.80 46.51
N VAL C 33 -1.20 65.95 46.20
CA VAL C 33 -2.65 66.00 46.04
C VAL C 33 -3.03 66.16 44.54
N ALA C 34 -4.16 65.58 44.13
CA ALA C 34 -4.59 65.66 42.74
C ALA C 34 -6.10 65.78 42.63
N ASP C 35 -6.56 66.51 41.59
CA ASP C 35 -7.98 66.71 41.32
C ASP C 35 -8.37 65.79 40.15
N TYR C 36 -8.70 64.53 40.48
CA TYR C 36 -9.06 63.50 39.50
C TYR C 36 -10.34 63.78 38.71
N SER C 37 -11.25 64.63 39.22
CA SER C 37 -12.48 64.95 38.49
C SER C 37 -12.28 66.03 37.40
N VAL C 38 -11.20 66.83 37.51
CA VAL C 38 -10.83 67.84 36.51
C VAL C 38 -10.40 67.12 35.21
N LEU C 39 -9.63 66.02 35.35
CA LEU C 39 -9.19 65.19 34.23
C LEU C 39 -10.36 64.43 33.61
N TYR C 40 -11.29 63.90 34.44
CA TYR C 40 -12.44 63.13 33.97
C TYR C 40 -13.41 63.93 33.09
N ASN C 41 -13.73 65.17 33.48
CA ASN C 41 -14.65 65.99 32.68
C ASN C 41 -13.94 66.85 31.61
N SER C 42 -12.59 66.73 31.48
CA SER C 42 -11.80 67.49 30.50
C SER C 42 -12.13 67.07 29.06
N ALA C 43 -12.25 68.04 28.14
CA ALA C 43 -12.55 67.79 26.73
C ALA C 43 -11.27 67.52 25.93
N SER C 44 -10.33 66.81 26.55
CA SER C 44 -9.05 66.43 25.93
C SER C 44 -8.94 64.90 25.71
N PHE C 45 -9.74 64.11 26.45
CA PHE C 45 -9.66 62.65 26.37
C PHE C 45 -10.83 61.95 25.67
N SER C 46 -10.52 61.14 24.66
CA SER C 46 -11.49 60.33 23.91
C SER C 46 -11.98 59.12 24.75
N THR C 47 -11.14 58.66 25.69
CA THR C 47 -11.46 57.52 26.54
C THR C 47 -11.07 57.81 27.98
N PHE C 48 -11.94 57.45 28.92
CA PHE C 48 -11.69 57.54 30.36
C PHE C 48 -12.52 56.44 31.02
N LYS C 49 -12.07 55.19 30.91
CA LYS C 49 -12.81 54.06 31.46
C LYS C 49 -12.21 53.55 32.77
N CYS C 50 -12.97 53.63 33.87
CA CYS C 50 -12.51 53.17 35.17
C CYS C 50 -13.06 51.81 35.55
N TYR C 51 -12.17 50.83 35.78
CA TYR C 51 -12.55 49.47 36.15
C TYR C 51 -12.19 49.21 37.62
N GLY C 52 -13.14 48.68 38.38
CA GLY C 52 -12.92 48.41 39.80
C GLY C 52 -13.32 49.56 40.69
N VAL C 53 -13.17 50.79 40.18
CA VAL C 53 -13.52 52.03 40.86
C VAL C 53 -14.53 52.85 39.99
N SER C 54 -15.20 53.83 40.59
CA SER C 54 -16.12 54.70 39.85
C SER C 54 -15.40 56.00 39.55
N PRO C 55 -15.50 56.50 38.30
CA PRO C 55 -14.82 57.76 37.95
C PRO C 55 -15.33 59.00 38.69
N THR C 56 -16.52 58.91 39.32
CA THR C 56 -17.10 60.01 40.07
C THR C 56 -16.44 60.13 41.44
N LYS C 57 -16.25 58.99 42.13
CA LYS C 57 -15.66 58.96 43.46
C LYS C 57 -14.13 58.79 43.45
N LEU C 58 -13.46 59.25 42.40
CA LEU C 58 -12.00 59.16 42.34
C LEU C 58 -11.33 60.11 43.34
N ASN C 59 -11.92 61.28 43.56
CA ASN C 59 -11.39 62.26 44.52
C ASN C 59 -11.68 61.82 45.96
N ASP C 60 -12.87 61.26 46.20
CA ASP C 60 -13.28 60.80 47.52
C ASP C 60 -12.78 59.37 47.79
N LEU C 61 -11.47 59.14 47.68
CA LEU C 61 -10.86 57.83 47.91
C LEU C 61 -9.44 57.96 48.53
N CYS C 62 -8.63 56.86 48.55
CA CYS C 62 -7.27 56.81 49.10
C CYS C 62 -6.37 57.89 48.51
N THR C 64 -2.85 56.06 49.34
CA THR C 64 -1.89 55.10 48.79
C THR C 64 -1.08 55.72 47.62
N ASN C 65 -0.13 54.96 47.03
CA ASN C 65 0.64 55.47 45.89
C ASN C 65 -0.11 55.11 44.58
N VAL C 66 0.11 55.89 43.53
CA VAL C 66 -0.51 55.69 42.23
C VAL C 66 0.55 55.36 41.16
N TYR C 67 0.20 54.55 40.17
CA TYR C 67 1.10 54.23 39.07
C TYR C 67 0.53 54.83 37.78
N ALA C 68 1.38 55.42 36.93
CA ALA C 68 0.93 56.02 35.67
C ALA C 68 1.71 55.42 34.52
N ASP C 69 1.13 54.44 33.83
CA ASP C 69 1.78 53.78 32.72
C ASP C 69 1.42 54.46 31.41
N SER C 70 2.42 54.74 30.56
CA SER C 70 2.16 55.44 29.32
C SER C 70 2.90 54.87 28.11
N PHE C 71 2.24 54.95 26.96
CA PHE C 71 2.71 54.40 25.70
C PHE C 71 1.80 54.87 24.55
N VAL C 72 2.13 54.49 23.31
CA VAL C 72 1.32 54.79 22.15
C VAL C 72 0.93 53.49 21.45
N ILE C 73 -0.35 53.38 21.01
CA ILE C 73 -0.88 52.27 20.23
C ILE C 73 -1.80 52.83 19.09
N ARG C 74 -2.35 51.92 18.24
CA ARG C 74 -3.32 52.26 17.20
C ARG C 74 -4.64 52.53 17.89
N GLY C 75 -5.49 53.33 17.24
CA GLY C 75 -6.82 53.62 17.77
C GLY C 75 -7.68 52.39 17.96
N ASP C 76 -7.62 51.43 17.00
CA ASP C 76 -8.42 50.20 17.14
C ASP C 76 -7.80 49.17 18.12
N GLU C 77 -6.72 49.54 18.81
CA GLU C 77 -6.13 48.71 19.85
C GLU C 77 -6.46 49.23 21.26
N VAL C 78 -7.04 50.47 21.38
CA VAL C 78 -7.43 51.06 22.67
C VAL C 78 -8.36 50.08 23.47
N ARG C 79 -9.10 49.22 22.75
CA ARG C 79 -9.99 48.18 23.28
C ARG C 79 -9.23 47.13 24.11
N GLN C 80 -8.01 46.78 23.67
CA GLN C 80 -7.17 45.78 24.35
C GLN C 80 -6.65 46.22 25.72
N ILE C 81 -6.74 47.53 26.04
CA ILE C 81 -6.27 48.05 27.32
C ILE C 81 -7.46 48.01 28.29
N ALA C 82 -7.84 46.78 28.67
CA ALA C 82 -8.97 46.49 29.54
C ALA C 82 -8.77 45.14 30.30
N PRO C 83 -9.41 44.99 31.47
CA PRO C 83 -9.19 43.81 32.32
C PRO C 83 -9.14 42.41 31.68
N GLY C 84 -10.03 42.10 30.74
CA GLY C 84 -10.04 40.77 30.15
C GLY C 84 -10.02 40.75 28.63
N GLN C 85 -8.92 41.23 28.02
CA GLN C 85 -8.83 41.31 26.56
C GLN C 85 -7.75 40.44 25.92
N THR C 86 -7.88 40.21 24.61
CA THR C 86 -6.93 39.47 23.79
C THR C 86 -6.49 40.32 22.58
N GLY C 87 -5.40 39.91 21.93
CA GLY C 87 -4.80 40.59 20.80
C GLY C 87 -3.30 40.79 20.98
N LYS C 88 -2.58 41.21 19.91
CA LYS C 88 -1.13 41.43 19.99
C LYS C 88 -0.68 42.31 21.19
N ILE C 89 -1.40 43.43 21.48
CA ILE C 89 -1.01 44.34 22.56
C ILE C 89 -1.35 43.75 23.92
N ALA C 90 -2.56 43.20 24.08
CA ALA C 90 -2.98 42.62 25.36
C ALA C 90 -2.20 41.35 25.72
N ASP C 91 -1.77 40.59 24.72
CA ASP C 91 -1.06 39.33 24.96
C ASP C 91 0.44 39.50 25.08
N TYR C 92 1.07 40.30 24.19
CA TYR C 92 2.53 40.44 24.16
C TYR C 92 3.07 41.82 24.58
N ASN C 93 2.23 42.85 24.87
CA ASN C 93 2.79 44.19 25.16
C ASN C 93 2.40 44.82 26.52
N TYR C 94 1.12 44.84 26.84
CA TYR C 94 0.64 45.44 28.07
C TYR C 94 -0.67 44.76 28.44
N LYS C 95 -0.69 44.11 29.62
CA LYS C 95 -1.84 43.37 30.13
C LYS C 95 -2.32 43.92 31.49
N LEU C 96 -3.61 44.29 31.58
CA LEU C 96 -4.24 44.76 32.82
C LEU C 96 -4.93 43.57 33.47
N PRO C 97 -4.80 43.38 34.79
CA PRO C 97 -5.41 42.20 35.43
C PRO C 97 -6.93 42.20 35.43
N ASP C 98 -7.51 41.03 35.70
CA ASP C 98 -8.97 40.89 35.78
C ASP C 98 -9.47 41.63 37.06
N ASP C 99 -8.64 41.63 38.13
CA ASP C 99 -8.90 42.35 39.39
C ASP C 99 -8.28 43.76 39.33
N PHE C 100 -8.31 44.40 38.16
CA PHE C 100 -7.72 45.74 37.97
C PHE C 100 -8.54 46.85 38.61
N THR C 101 -7.91 47.68 39.45
CA THR C 101 -8.54 48.85 40.06
C THR C 101 -7.80 50.09 39.56
N GLY C 102 -8.43 50.82 38.65
CA GLY C 102 -7.83 52.00 38.07
C GLY C 102 -8.54 52.52 36.84
N CYS C 103 -7.91 53.45 36.12
CA CYS C 103 -8.54 54.05 34.95
C CYS C 103 -7.65 54.06 33.69
N VAL C 104 -8.25 53.74 32.55
CA VAL C 104 -7.58 53.78 31.25
C VAL C 104 -8.00 55.06 30.54
N ILE C 105 -7.01 55.92 30.23
CA ILE C 105 -7.21 57.22 29.59
C ILE C 105 -6.53 57.26 28.22
N ALA C 106 -7.21 57.76 27.19
CA ALA C 106 -6.65 57.81 25.84
C ALA C 106 -7.12 59.05 25.06
N TRP C 107 -6.31 59.47 24.08
CA TRP C 107 -6.60 60.62 23.24
C TRP C 107 -5.89 60.51 21.92
N ASN C 108 -6.54 60.99 20.86
CA ASN C 108 -6.00 60.96 19.51
C ASN C 108 -4.75 61.81 19.45
N SER C 109 -3.64 61.24 18.99
CA SER C 109 -2.40 62.00 18.85
C SER C 109 -1.90 62.01 17.41
N ASN C 110 -2.79 61.90 16.43
CA ASN C 110 -2.46 61.93 15.00
C ASN C 110 -1.66 63.20 14.64
N ASN C 111 -2.11 64.37 15.13
CA ASN C 111 -1.45 65.66 14.87
C ASN C 111 -0.01 65.70 15.41
N LEU C 112 0.31 64.90 16.45
CA LEU C 112 1.63 64.85 17.09
C LEU C 112 2.52 63.66 16.65
N ASP C 113 1.95 62.45 16.53
CA ASP C 113 2.73 61.24 16.27
C ASP C 113 2.67 60.65 14.85
N SER C 114 1.99 61.32 13.91
CA SER C 114 1.98 60.87 12.52
C SER C 114 2.85 61.83 11.70
N LYS C 115 3.49 61.33 10.65
CA LYS C 115 4.33 62.17 9.79
C LYS C 115 3.99 61.94 8.32
N VAL C 116 4.23 62.92 7.44
CA VAL C 116 4.00 62.74 5.98
C VAL C 116 4.95 61.64 5.49
N GLY C 117 4.39 60.59 4.92
CA GLY C 117 5.14 59.42 4.48
C GLY C 117 5.21 58.32 5.53
N GLY C 118 4.81 58.62 6.76
CA GLY C 118 4.78 57.69 7.86
C GLY C 118 5.82 57.87 8.95
N ASN C 119 5.40 57.69 10.20
CA ASN C 119 6.28 57.67 11.37
C ASN C 119 6.35 56.18 11.77
N TYR C 120 7.53 55.60 11.73
CA TYR C 120 7.71 54.19 12.07
C TYR C 120 8.49 53.99 13.38
N ASN C 121 8.73 55.07 14.16
CA ASN C 121 9.51 55.01 15.39
C ASN C 121 8.81 54.33 16.57
N TYR C 122 7.49 54.20 16.54
CA TYR C 122 6.71 53.55 17.59
C TYR C 122 6.61 52.05 17.31
N LEU C 123 7.07 51.24 18.26
CA LEU C 123 7.17 49.81 18.10
C LEU C 123 6.23 49.04 18.99
N TYR C 124 5.92 47.81 18.56
CA TYR C 124 5.12 46.86 19.30
C TYR C 124 5.77 45.47 19.12
N ARG C 125 5.50 44.55 20.04
CA ARG C 125 5.96 43.17 19.95
C ARG C 125 4.88 42.38 19.18
N LEU C 126 5.27 41.75 18.07
CA LEU C 126 4.43 40.99 17.14
C LEU C 126 4.56 39.47 17.38
N PHE C 127 5.76 38.99 17.78
CA PHE C 127 5.99 37.56 18.00
C PHE C 127 6.47 37.29 19.40
N ARG C 128 6.03 36.18 20.01
CA ARG C 128 6.42 35.77 21.36
C ARG C 128 6.00 34.32 21.62
N LYS C 129 6.86 33.55 22.30
CA LYS C 129 6.54 32.15 22.61
C LYS C 129 5.45 32.04 23.69
N SER C 130 5.30 33.06 24.54
CA SER C 130 4.32 33.03 25.64
C SER C 130 3.61 34.37 25.85
N ASN C 131 2.46 34.36 26.54
CA ASN C 131 1.75 35.58 26.87
C ASN C 131 2.38 36.27 28.10
N LEU C 132 2.11 37.57 28.28
CA LEU C 132 2.64 38.35 29.38
C LEU C 132 1.75 38.23 30.60
N LYS C 133 2.34 38.35 31.80
CA LYS C 133 1.56 38.37 33.04
C LYS C 133 1.14 39.84 33.28
N PRO C 134 0.03 40.10 34.01
CA PRO C 134 -0.37 41.50 34.24
C PRO C 134 0.73 42.41 34.80
N PHE C 135 0.97 43.55 34.12
CA PHE C 135 1.99 44.56 34.43
C PHE C 135 3.42 44.07 34.17
N GLU C 136 3.60 43.08 33.30
CA GLU C 136 4.93 42.62 32.95
C GLU C 136 5.43 43.47 31.76
N ARG C 137 6.71 43.85 31.79
CA ARG C 137 7.32 44.60 30.71
C ARG C 137 8.40 43.71 30.12
N ASP C 138 8.23 43.31 28.86
CA ASP C 138 9.25 42.52 28.18
C ASP C 138 9.92 43.41 27.15
N ILE C 139 11.25 43.56 27.24
CA ILE C 139 12.04 44.36 26.32
C ILE C 139 13.18 43.56 25.65
N SER C 140 13.14 42.22 25.73
CA SER C 140 14.15 41.36 25.09
C SER C 140 13.95 41.36 23.58
N THR C 141 15.02 41.04 22.85
CA THR C 141 14.97 41.08 21.38
C THR C 141 15.41 39.75 20.74
N GLU C 142 14.97 38.63 21.30
CA GLU C 142 15.33 37.30 20.81
C GLU C 142 14.58 36.91 19.52
N ILE C 143 15.35 36.51 18.49
CA ILE C 143 14.84 36.02 17.19
C ILE C 143 13.87 34.86 17.43
N TYR C 144 12.68 34.95 16.84
CA TYR C 144 11.62 33.98 17.04
C TYR C 144 11.64 32.87 15.97
N GLN C 145 11.86 31.61 16.40
CA GLN C 145 11.88 30.46 15.48
C GLN C 145 10.45 30.08 15.17
N ALA C 146 9.94 30.58 14.04
CA ALA C 146 8.54 30.36 13.69
C ALA C 146 8.22 28.93 13.25
N GLY C 147 9.22 28.18 12.80
CA GLY C 147 9.01 26.81 12.35
C GLY C 147 10.07 25.83 12.81
N SER C 148 10.32 24.76 12.04
CA SER C 148 11.31 23.72 12.39
C SER C 148 12.76 24.08 12.05
N THR C 149 12.99 25.10 11.21
CA THR C 149 14.35 25.48 10.84
C THR C 149 14.95 26.34 11.95
N PRO C 150 16.12 25.93 12.49
CA PRO C 150 16.75 26.72 13.55
C PRO C 150 17.24 28.08 13.05
N CYS C 151 17.27 29.07 13.95
CA CYS C 151 17.65 30.43 13.59
C CYS C 151 19.12 30.74 13.79
N ASN C 152 19.67 30.33 14.95
CA ASN C 152 21.05 30.57 15.34
C ASN C 152 21.35 32.08 15.44
N GLY C 153 20.42 32.82 16.00
CA GLY C 153 20.52 34.26 16.15
C GLY C 153 20.54 35.05 14.85
N VAL C 154 20.31 34.38 13.71
CA VAL C 154 20.33 35.03 12.41
C VAL C 154 18.92 35.29 11.91
N GLU C 155 18.66 36.54 11.54
CA GLU C 155 17.35 36.92 11.02
C GLU C 155 17.20 36.43 9.59
N GLY C 156 16.02 35.91 9.28
CA GLY C 156 15.70 35.39 7.95
C GLY C 156 14.27 34.91 7.87
N PHE C 157 13.95 34.11 6.82
CA PHE C 157 12.58 33.56 6.70
C PHE C 157 12.31 32.62 7.85
N ASN C 158 11.14 32.81 8.51
CA ASN C 158 10.68 32.10 9.69
C ASN C 158 11.62 32.24 10.90
N CYS C 159 12.47 33.26 10.90
CA CYS C 159 13.40 33.59 11.98
C CYS C 159 13.28 35.12 12.17
N TYR C 160 12.22 35.52 12.85
CA TYR C 160 11.85 36.92 12.93
C TYR C 160 12.17 37.67 14.20
N PHE C 161 12.59 38.93 14.03
CA PHE C 161 12.81 39.84 15.16
C PHE C 161 11.43 40.12 15.77
N PRO C 162 11.32 40.03 17.11
CA PRO C 162 10.02 40.15 17.74
C PRO C 162 9.32 41.52 17.67
N LEU C 163 10.06 42.59 17.44
CA LEU C 163 9.48 43.94 17.43
C LEU C 163 9.21 44.44 16.03
N GLN C 164 8.05 45.04 15.83
CA GLN C 164 7.70 45.64 14.54
C GLN C 164 7.28 47.09 14.68
N SER C 165 7.47 47.86 13.62
CA SER C 165 7.11 49.27 13.61
C SER C 165 5.66 49.47 13.24
N TYR C 166 4.97 50.38 13.95
CA TYR C 166 3.64 50.85 13.58
C TYR C 166 3.88 51.78 12.38
N GLY C 167 2.87 51.98 11.54
CA GLY C 167 2.97 52.88 10.41
C GLY C 167 2.01 54.02 10.61
N PHE C 168 2.48 55.14 11.19
CA PHE C 168 1.60 56.26 11.49
C PHE C 168 1.62 57.37 10.44
N GLN C 169 0.60 57.37 9.59
CA GLN C 169 0.41 58.30 8.49
C GLN C 169 -0.81 59.21 8.83
N PRO C 170 -0.71 60.54 8.65
CA PRO C 170 -1.83 61.44 9.03
C PRO C 170 -3.19 61.16 8.37
N THR C 171 -3.19 60.72 7.10
CA THR C 171 -4.46 60.42 6.41
C THR C 171 -4.98 59.01 6.66
N ASN C 172 -4.41 58.28 7.63
CA ASN C 172 -4.91 56.94 8.00
C ASN C 172 -6.32 57.11 8.58
N GLY C 173 -7.14 56.05 8.54
CA GLY C 173 -8.43 56.07 9.21
C GLY C 173 -8.21 56.06 10.71
N VAL C 174 -9.17 56.55 11.50
CA VAL C 174 -9.11 56.64 12.96
C VAL C 174 -8.54 55.37 13.64
N GLY C 175 -8.87 54.18 13.12
CA GLY C 175 -8.43 52.90 13.67
C GLY C 175 -6.95 52.63 13.55
N TYR C 176 -6.31 53.24 12.57
CA TYR C 176 -4.87 53.10 12.31
C TYR C 176 -4.05 54.33 12.80
N GLN C 177 -4.71 55.35 13.38
CA GLN C 177 -4.10 56.58 13.88
C GLN C 177 -3.51 56.36 15.28
N PRO C 178 -2.42 57.07 15.63
CA PRO C 178 -1.85 56.90 16.98
C PRO C 178 -2.70 57.47 18.10
N TYR C 179 -2.79 56.75 19.21
CA TYR C 179 -3.51 57.18 20.40
C TYR C 179 -2.60 57.09 21.60
N ARG C 180 -2.42 58.21 22.30
CA ARG C 180 -1.59 58.24 23.50
C ARG C 180 -2.40 57.66 24.65
N VAL C 181 -1.81 56.73 25.41
CA VAL C 181 -2.54 56.09 26.51
C VAL C 181 -1.87 56.31 27.87
N VAL C 182 -2.67 56.61 28.89
CA VAL C 182 -2.22 56.75 30.26
C VAL C 182 -3.12 55.84 31.14
N VAL C 183 -2.51 54.84 31.81
CA VAL C 183 -3.24 53.95 32.69
C VAL C 183 -2.85 54.26 34.13
N LEU C 184 -3.83 54.64 34.96
CA LEU C 184 -3.61 54.94 36.36
C LEU C 184 -3.98 53.71 37.20
N SER C 185 -3.03 53.14 37.94
CA SER C 185 -3.31 51.99 38.80
C SER C 185 -3.41 52.43 40.25
N PHE C 186 -4.42 51.94 40.98
CA PHE C 186 -4.62 52.28 42.39
C PHE C 186 -4.55 51.04 43.29
N MET D 1 -6.82 -1.85 -8.03
CA MET D 1 -5.43 -2.26 -7.84
C MET D 1 -5.20 -3.75 -8.23
N GLN D 2 -3.96 -4.27 -8.07
CA GLN D 2 -3.58 -5.65 -8.40
C GLN D 2 -4.16 -6.66 -7.41
N VAL D 3 -4.43 -7.90 -7.86
CA VAL D 3 -4.94 -8.96 -6.99
C VAL D 3 -3.96 -9.24 -5.85
N GLN D 4 -4.47 -9.36 -4.60
CA GLN D 4 -3.69 -9.64 -3.39
C GLN D 4 -4.50 -10.45 -2.33
N LEU D 5 -3.80 -11.26 -1.52
CA LEU D 5 -4.41 -11.98 -0.41
C LEU D 5 -3.59 -11.56 0.77
N GLN D 6 -4.18 -10.76 1.66
CA GLN D 6 -3.46 -10.24 2.82
C GLN D 6 -3.92 -10.94 4.07
N GLN D 7 -3.00 -11.63 4.73
CA GLN D 7 -3.27 -12.41 5.94
C GLN D 7 -3.04 -11.65 7.24
N SER D 8 -3.81 -12.02 8.29
CA SER D 8 -3.69 -11.44 9.64
C SER D 8 -2.29 -11.61 10.16
N GLY D 9 -1.86 -10.70 11.03
CA GLY D 9 -0.51 -10.73 11.58
C GLY D 9 -0.24 -11.91 12.48
N ALA D 10 1.06 -12.14 12.82
CA ALA D 10 1.50 -13.25 13.66
C ALA D 10 0.70 -13.36 14.96
N GLU D 11 0.37 -14.60 15.36
CA GLU D 11 -0.46 -14.79 16.54
C GLU D 11 0.13 -15.74 17.57
N LEU D 12 -0.14 -15.41 18.83
CA LEU D 12 0.23 -16.21 19.98
C LEU D 12 -1.08 -16.72 20.62
N ALA D 13 -1.11 -18.00 20.96
CA ALA D 13 -2.29 -18.60 21.57
C ALA D 13 -1.86 -19.54 22.66
N ARG D 14 -2.64 -19.61 23.73
CA ARG D 14 -2.32 -20.50 24.84
C ARG D 14 -2.82 -21.92 24.52
N PRO D 15 -2.21 -22.96 25.10
CA PRO D 15 -2.74 -24.32 24.89
C PRO D 15 -4.21 -24.44 25.36
N GLY D 16 -5.01 -25.12 24.54
CA GLY D 16 -6.43 -25.29 24.78
C GLY D 16 -7.29 -24.19 24.21
N ALA D 17 -6.72 -23.02 23.94
CA ALA D 17 -7.45 -21.87 23.41
C ALA D 17 -7.79 -21.98 21.88
N SER D 18 -8.52 -21.00 21.30
CA SER D 18 -8.89 -20.94 19.88
C SER D 18 -8.39 -19.66 19.25
N VAL D 19 -8.07 -19.70 17.94
CA VAL D 19 -7.69 -18.51 17.16
C VAL D 19 -8.56 -18.44 15.92
N LYS D 20 -8.69 -17.24 15.32
CA LYS D 20 -9.45 -17.07 14.08
C LYS D 20 -8.60 -16.27 13.11
N LEU D 21 -7.77 -16.97 12.32
CA LEU D 21 -6.88 -16.38 11.31
C LEU D 21 -7.69 -15.79 10.14
N SER D 22 -7.27 -14.66 9.59
CA SER D 22 -7.98 -14.02 8.49
C SER D 22 -7.17 -13.89 7.18
N CYS D 23 -7.88 -13.79 6.06
CA CYS D 23 -7.31 -13.67 4.73
C CYS D 23 -8.17 -12.73 3.92
N LYS D 24 -7.75 -11.46 3.79
CA LYS D 24 -8.53 -10.48 3.02
C LYS D 24 -8.12 -10.45 1.56
N ALA D 25 -9.09 -10.62 0.66
CA ALA D 25 -8.93 -10.61 -0.78
C ALA D 25 -9.29 -9.26 -1.36
N SER D 26 -8.44 -8.72 -2.23
CA SER D 26 -8.64 -7.43 -2.89
C SER D 26 -8.05 -7.46 -4.29
N GLY D 27 -8.60 -6.65 -5.17
CA GLY D 27 -8.18 -6.60 -6.56
C GLY D 27 -9.07 -7.41 -7.48
N TYR D 28 -10.15 -8.04 -6.95
CA TYR D 28 -11.04 -8.88 -7.76
C TYR D 28 -12.38 -9.18 -7.04
N THR D 29 -13.38 -9.73 -7.74
CA THR D 29 -14.67 -10.08 -7.12
C THR D 29 -14.47 -11.38 -6.35
N PHE D 30 -14.46 -11.30 -5.00
CA PHE D 30 -14.24 -12.36 -4.02
C PHE D 30 -15.07 -13.65 -4.25
N ILE D 31 -16.32 -13.52 -4.67
CA ILE D 31 -17.17 -14.69 -4.89
C ILE D 31 -16.87 -15.48 -6.17
N SER D 32 -15.89 -15.04 -6.96
CA SER D 32 -15.55 -15.71 -8.20
C SER D 32 -14.82 -17.05 -7.97
N ASN D 33 -13.97 -17.09 -6.97
CA ASN D 33 -13.07 -18.22 -6.73
C ASN D 33 -13.06 -18.80 -5.32
N GLY D 34 -12.55 -20.03 -5.21
CA GLY D 34 -12.42 -20.71 -3.93
C GLY D 34 -11.22 -20.20 -3.18
N ILE D 35 -11.29 -20.21 -1.85
CA ILE D 35 -10.17 -19.82 -1.02
C ILE D 35 -9.81 -21.02 -0.18
N SER D 36 -8.55 -21.42 -0.19
CA SER D 36 -8.10 -22.59 0.53
C SER D 36 -7.05 -22.23 1.55
N TRP D 37 -6.79 -23.14 2.48
CA TRP D 37 -5.77 -22.96 3.50
C TRP D 37 -4.78 -24.12 3.44
N VAL D 38 -3.50 -23.84 3.80
CA VAL D 38 -2.37 -24.77 3.74
C VAL D 38 -1.55 -24.62 5.02
N LYS D 39 -1.11 -25.73 5.61
CA LYS D 39 -0.31 -25.68 6.83
C LYS D 39 1.12 -26.11 6.54
N GLN D 40 2.08 -25.42 7.16
CA GLN D 40 3.47 -25.82 7.04
C GLN D 40 4.22 -25.66 8.38
N ARG D 41 4.59 -26.77 9.02
CA ARG D 41 5.38 -26.72 10.25
C ARG D 41 6.83 -26.41 9.85
N THR D 42 7.61 -25.81 10.76
CA THR D 42 9.01 -25.45 10.44
C THR D 42 9.83 -26.66 9.96
N GLY D 43 10.50 -26.48 8.83
CA GLY D 43 11.35 -27.50 8.21
C GLY D 43 10.62 -28.68 7.60
N GLN D 44 9.28 -28.58 7.45
CA GLN D 44 8.45 -29.65 6.93
C GLN D 44 7.72 -29.25 5.63
N GLY D 45 6.93 -30.16 5.08
CA GLY D 45 6.23 -29.92 3.84
C GLY D 45 4.90 -29.22 4.00
N LEU D 46 4.34 -28.81 2.85
CA LEU D 46 3.03 -28.18 2.80
C LEU D 46 1.94 -29.25 2.96
N GLU D 47 0.84 -28.89 3.65
CA GLU D 47 -0.30 -29.81 3.85
C GLU D 47 -1.54 -29.04 3.50
N TRP D 48 -2.43 -29.62 2.70
CA TRP D 48 -3.68 -28.95 2.34
C TRP D 48 -4.69 -29.11 3.50
N ILE D 49 -5.29 -28.03 3.99
CA ILE D 49 -6.25 -28.11 5.10
C ILE D 49 -7.68 -28.25 4.57
N GLY D 50 -8.03 -27.38 3.64
CA GLY D 50 -9.36 -27.37 3.07
C GLY D 50 -9.63 -26.13 2.27
N GLU D 51 -10.84 -26.06 1.71
CA GLU D 51 -11.23 -24.95 0.90
C GLU D 51 -12.68 -24.54 1.19
N ILE D 52 -13.00 -23.27 1.02
CA ILE D 52 -14.36 -22.77 1.06
C ILE D 52 -14.68 -22.10 -0.29
N TYR D 53 -15.92 -22.21 -0.76
CA TYR D 53 -16.40 -21.53 -1.95
C TYR D 53 -17.33 -20.40 -1.43
N PRO D 54 -16.84 -19.15 -1.37
CA PRO D 54 -17.68 -18.02 -0.87
C PRO D 54 -19.06 -17.80 -1.53
N ARG D 55 -19.29 -18.14 -2.81
CA ARG D 55 -20.63 -17.95 -3.43
C ARG D 55 -21.78 -18.78 -2.75
N ASN D 56 -21.47 -19.91 -2.08
CA ASN D 56 -22.51 -20.70 -1.39
C ASN D 56 -22.11 -21.12 0.04
N GLY D 57 -20.92 -20.76 0.48
CA GLY D 57 -20.42 -21.17 1.80
C GLY D 57 -20.00 -22.64 1.92
N ASN D 58 -20.09 -23.43 0.84
CA ASN D 58 -19.69 -24.85 0.89
C ASN D 58 -18.21 -25.01 1.23
N THR D 59 -17.87 -25.92 2.17
CA THR D 59 -16.52 -26.22 2.61
C THR D 59 -16.12 -27.68 2.34
N TYR D 60 -14.84 -27.97 2.30
CA TYR D 60 -14.31 -29.33 2.15
C TYR D 60 -13.04 -29.40 2.98
N TYR D 61 -12.83 -30.47 3.73
CA TYR D 61 -11.68 -30.60 4.60
C TYR D 61 -10.87 -31.87 4.36
N ASN D 62 -9.57 -31.74 4.60
CA ASN D 62 -8.62 -32.83 4.71
C ASN D 62 -9.00 -33.51 6.07
N GLU D 63 -9.24 -34.84 6.09
CA GLU D 63 -9.63 -35.62 7.28
C GLU D 63 -8.85 -35.25 8.56
N LYS D 64 -7.54 -35.03 8.43
CA LYS D 64 -6.67 -34.63 9.53
C LYS D 64 -7.08 -33.31 10.20
N PHE D 65 -7.77 -32.45 9.46
CA PHE D 65 -8.19 -31.15 9.95
C PHE D 65 -9.68 -31.02 10.20
N LYS D 66 -10.48 -32.10 10.04
CA LYS D 66 -11.92 -32.01 10.34
C LYS D 66 -12.11 -31.69 11.83
N GLY D 67 -12.96 -30.72 12.13
CA GLY D 67 -13.17 -30.28 13.51
C GLY D 67 -12.11 -29.33 14.02
N LYS D 68 -10.82 -29.67 13.82
CA LYS D 68 -9.68 -28.85 14.21
C LYS D 68 -9.73 -27.48 13.51
N ALA D 69 -10.15 -27.45 12.24
CA ALA D 69 -10.25 -26.21 11.48
C ALA D 69 -11.66 -25.96 11.00
N THR D 70 -12.09 -24.69 11.05
CA THR D 70 -13.39 -24.28 10.55
C THR D 70 -13.16 -23.12 9.60
N LEU D 71 -13.67 -23.24 8.39
CA LEU D 71 -13.51 -22.22 7.38
C LEU D 71 -14.81 -21.49 7.18
N THR D 72 -14.75 -20.17 7.23
CA THR D 72 -15.91 -19.31 6.97
C THR D 72 -15.49 -18.23 5.95
N ALA D 73 -16.43 -17.51 5.35
CA ALA D 73 -16.13 -16.42 4.44
C ALA D 73 -17.21 -15.33 4.60
N ASP D 74 -16.74 -14.08 4.73
CA ASP D 74 -17.55 -12.88 4.90
C ASP D 74 -17.52 -12.10 3.58
N LYS D 75 -18.57 -12.27 2.77
CA LYS D 75 -18.65 -11.64 1.46
C LYS D 75 -18.62 -10.11 1.57
N SER D 76 -19.21 -9.54 2.64
CA SER D 76 -19.28 -8.08 2.79
C SER D 76 -17.90 -7.43 2.90
N SER D 77 -16.95 -8.10 3.57
CA SER D 77 -15.60 -7.55 3.70
C SER D 77 -14.53 -8.33 2.92
N SER D 78 -14.94 -9.16 1.94
CA SER D 78 -14.04 -9.95 1.09
C SER D 78 -12.96 -10.69 1.88
N THR D 79 -13.36 -11.26 3.04
CA THR D 79 -12.46 -11.95 3.95
C THR D 79 -12.87 -13.42 4.18
N ALA D 80 -11.88 -14.29 4.14
CA ALA D 80 -12.04 -15.71 4.42
C ALA D 80 -11.39 -15.92 5.79
N TYR D 81 -11.98 -16.79 6.61
CA TYR D 81 -11.45 -17.05 7.95
C TYR D 81 -11.19 -18.52 8.20
N MET D 82 -10.25 -18.78 9.09
CA MET D 82 -10.00 -20.12 9.56
C MET D 82 -9.85 -20.09 11.06
N GLU D 83 -10.75 -20.82 11.73
CA GLU D 83 -10.74 -20.98 13.17
C GLU D 83 -10.08 -22.28 13.52
N LEU D 84 -9.09 -22.23 14.41
CA LEU D 84 -8.40 -23.42 14.88
C LEU D 84 -8.74 -23.58 16.35
N ARG D 85 -9.33 -24.73 16.74
CA ARG D 85 -9.75 -24.98 18.12
C ARG D 85 -8.84 -25.97 18.83
N SER D 86 -8.99 -26.08 20.20
CA SER D 86 -8.26 -26.99 21.10
C SER D 86 -6.78 -27.04 20.75
N LEU D 87 -6.17 -25.86 20.71
CA LEU D 87 -4.81 -25.67 20.27
C LEU D 87 -3.76 -26.35 21.12
N THR D 88 -2.76 -26.88 20.45
CA THR D 88 -1.64 -27.57 21.08
C THR D 88 -0.32 -27.18 20.40
N SER D 89 0.83 -27.55 20.98
CA SER D 89 2.14 -27.21 20.39
C SER D 89 2.28 -27.79 18.97
N GLU D 90 1.61 -28.93 18.68
CA GLU D 90 1.56 -29.56 17.36
C GLU D 90 0.94 -28.62 16.30
N ASP D 91 0.06 -27.69 16.73
CA ASP D 91 -0.59 -26.71 15.87
C ASP D 91 0.28 -25.48 15.55
N SER D 92 1.46 -25.36 16.18
CA SER D 92 2.38 -24.27 15.87
C SER D 92 2.93 -24.48 14.47
N ALA D 93 2.66 -23.53 13.56
CA ALA D 93 3.02 -23.62 12.14
C ALA D 93 2.76 -22.28 11.39
N VAL D 94 3.15 -22.19 10.10
CA VAL D 94 2.77 -21.09 9.26
C VAL D 94 1.50 -21.58 8.53
N PHE D 95 0.47 -20.74 8.51
CA PHE D 95 -0.76 -21.06 7.82
C PHE D 95 -0.88 -20.10 6.65
N PHE D 96 -1.10 -20.62 5.45
CA PHE D 96 -1.29 -19.79 4.27
C PHE D 96 -2.72 -19.90 3.79
N CYS D 97 -3.22 -18.85 3.15
CA CYS D 97 -4.45 -18.91 2.39
C CYS D 97 -4.00 -18.84 0.92
N ALA D 98 -4.82 -19.35 -0.01
CA ALA D 98 -4.47 -19.35 -1.42
C ALA D 98 -5.72 -19.47 -2.23
N ARG D 99 -5.70 -18.87 -3.39
CA ARG D 99 -6.85 -18.83 -4.25
C ARG D 99 -6.86 -20.01 -5.23
N ASP D 100 -8.00 -20.74 -5.26
CA ASP D 100 -8.29 -21.80 -6.20
C ASP D 100 -8.99 -21.12 -7.40
N TYR D 101 -8.16 -20.77 -8.42
CA TYR D 101 -8.59 -20.12 -9.64
C TYR D 101 -9.35 -21.08 -10.56
N TYR D 102 -10.01 -20.54 -11.61
CA TYR D 102 -10.75 -21.36 -12.58
C TYR D 102 -9.91 -22.50 -13.17
N TYR D 103 -8.61 -22.28 -13.35
CA TYR D 103 -7.66 -23.26 -13.87
C TYR D 103 -6.30 -22.99 -13.15
N GLY D 104 -5.41 -23.94 -13.23
CA GLY D 104 -4.05 -23.87 -12.71
C GLY D 104 -3.84 -24.05 -11.22
N SER D 105 -4.87 -24.47 -10.49
CA SER D 105 -4.88 -24.66 -9.02
C SER D 105 -4.73 -23.29 -8.28
N PHE D 106 -3.73 -23.14 -7.42
CA PHE D 106 -3.40 -21.96 -6.68
C PHE D 106 -2.61 -20.95 -7.56
N ASP D 107 -3.17 -19.73 -7.77
CA ASP D 107 -2.41 -18.71 -8.51
C ASP D 107 -1.82 -17.67 -7.58
N TYR D 108 -2.64 -17.17 -6.64
CA TYR D 108 -2.21 -16.18 -5.65
C TYR D 108 -2.24 -16.82 -4.29
N TRP D 109 -1.25 -16.52 -3.48
CA TRP D 109 -1.12 -17.01 -2.12
C TRP D 109 -0.99 -15.83 -1.19
N GLY D 110 -1.48 -15.99 0.04
CA GLY D 110 -1.23 -15.01 1.07
C GLY D 110 0.22 -15.13 1.52
N GLN D 111 0.68 -14.20 2.34
CA GLN D 111 2.06 -14.20 2.82
C GLN D 111 2.32 -15.19 3.98
N GLY D 112 1.28 -15.77 4.54
CA GLY D 112 1.40 -16.70 5.64
C GLY D 112 1.32 -16.01 6.98
N THR D 113 0.77 -16.72 7.97
CA THR D 113 0.62 -16.23 9.35
C THR D 113 1.29 -17.24 10.26
N THR D 114 2.31 -16.83 11.04
CA THR D 114 2.95 -17.76 11.96
C THR D 114 2.08 -17.86 13.23
N LEU D 115 1.87 -19.06 13.73
CA LEU D 115 1.09 -19.30 14.93
C LEU D 115 1.98 -20.03 15.90
N THR D 116 2.09 -19.51 17.12
CA THR D 116 2.86 -20.17 18.15
C THR D 116 1.94 -20.48 19.30
N VAL D 117 1.74 -21.75 19.60
CA VAL D 117 0.89 -22.16 20.69
C VAL D 117 1.79 -22.40 21.88
N SER D 118 1.75 -21.49 22.87
CA SER D 118 2.63 -21.56 24.02
C SER D 118 2.02 -20.95 25.28
N SER D 119 2.52 -21.40 26.46
CA SER D 119 2.16 -20.87 27.79
C SER D 119 3.05 -19.64 28.16
N ALA D 120 4.23 -19.50 27.53
CA ALA D 120 5.18 -18.43 27.80
C ALA D 120 4.63 -17.00 27.62
N LYS D 121 5.24 -16.05 28.33
CA LYS D 121 4.89 -14.64 28.25
C LYS D 121 6.10 -13.86 27.68
N THR D 122 5.89 -12.60 27.24
CA THR D 122 6.97 -11.76 26.70
C THR D 122 8.09 -11.62 27.71
N THR D 123 9.25 -12.16 27.32
CA THR D 123 10.43 -12.25 28.13
C THR D 123 11.64 -11.74 27.36
N PRO D 124 12.36 -10.74 27.89
CA PRO D 124 13.57 -10.28 27.20
C PRO D 124 14.71 -11.26 27.39
N PRO D 125 15.63 -11.30 26.42
CA PRO D 125 16.77 -12.24 26.54
C PRO D 125 17.95 -11.65 27.30
N SER D 126 18.77 -12.55 27.85
CA SER D 126 20.05 -12.14 28.44
C SER D 126 21.07 -12.31 27.31
N VAL D 127 21.99 -11.35 27.16
CA VAL D 127 22.99 -11.43 26.10
C VAL D 127 24.39 -11.63 26.72
N TYR D 128 25.11 -12.68 26.31
CA TYR D 128 26.44 -12.96 26.85
C TYR D 128 27.50 -12.99 25.78
N PRO D 129 28.67 -12.40 26.06
CA PRO D 129 29.76 -12.44 25.08
C PRO D 129 30.45 -13.79 25.07
N LEU D 130 30.85 -14.24 23.90
CA LEU D 130 31.59 -15.49 23.74
C LEU D 130 33.00 -15.18 23.26
N ALA D 131 33.96 -15.25 24.17
CA ALA D 131 35.38 -15.02 23.85
C ALA D 131 36.12 -16.36 23.96
N PRO D 132 37.13 -16.61 23.10
CA PRO D 132 37.82 -17.90 23.12
C PRO D 132 38.73 -18.14 24.34
N GLY D 133 39.61 -19.16 24.27
CA GLY D 133 40.54 -19.49 25.34
C GLY D 133 41.67 -18.49 25.51
N SER D 140 45.47 -16.97 13.05
CA SER D 140 45.19 -16.30 11.79
C SER D 140 43.80 -15.65 11.81
N MET D 141 42.73 -16.45 11.96
CA MET D 141 41.37 -15.93 12.04
C MET D 141 40.80 -16.22 13.43
N VAL D 142 40.12 -15.24 14.03
CA VAL D 142 39.52 -15.41 15.34
C VAL D 142 37.98 -15.48 15.21
N THR D 143 37.36 -16.42 15.93
CA THR D 143 35.93 -16.61 15.93
C THR D 143 35.40 -16.17 17.27
N LEU D 144 34.41 -15.29 17.27
CA LEU D 144 33.75 -14.82 18.48
C LEU D 144 32.25 -15.13 18.36
N GLY D 145 31.53 -14.97 19.45
CA GLY D 145 30.10 -15.22 19.43
C GLY D 145 29.32 -14.45 20.46
N CYS D 146 28.01 -14.64 20.44
CA CYS D 146 27.09 -14.07 21.40
C CYS D 146 26.02 -15.11 21.71
N LEU D 147 25.64 -15.18 22.97
CA LEU D 147 24.64 -16.12 23.40
C LEU D 147 23.45 -15.31 23.86
N VAL D 148 22.32 -15.48 23.17
CA VAL D 148 21.06 -14.79 23.44
C VAL D 148 20.17 -15.83 24.11
N LYS D 149 20.07 -15.77 25.43
CA LYS D 149 19.42 -16.79 26.23
C LYS D 149 18.15 -16.37 26.97
N GLY D 150 17.11 -17.18 26.81
CA GLY D 150 15.85 -17.04 27.55
C GLY D 150 14.87 -15.98 27.09
N TYR D 151 14.56 -15.95 25.78
CA TYR D 151 13.61 -14.96 25.27
C TYR D 151 12.33 -15.55 24.70
N PHE D 152 11.28 -14.75 24.70
CA PHE D 152 10.00 -15.12 24.13
C PHE D 152 9.24 -13.85 23.79
N PRO D 153 8.54 -13.84 22.65
CA PRO D 153 8.55 -14.86 21.58
C PRO D 153 9.68 -14.58 20.58
N GLU D 154 9.71 -15.36 19.49
CA GLU D 154 10.60 -15.07 18.37
C GLU D 154 10.00 -13.81 17.68
N PRO D 155 10.81 -13.00 16.98
CA PRO D 155 12.22 -13.18 16.68
C PRO D 155 13.14 -12.23 17.46
N VAL D 156 14.44 -12.44 17.27
CA VAL D 156 15.52 -11.63 17.79
C VAL D 156 16.46 -11.38 16.58
N THR D 157 16.88 -10.12 16.39
CA THR D 157 17.80 -9.80 15.31
C THR D 157 19.17 -9.53 15.87
N VAL D 158 20.18 -10.17 15.29
CA VAL D 158 21.55 -10.01 15.74
C VAL D 158 22.40 -9.45 14.64
N THR D 159 23.09 -8.34 14.91
CA THR D 159 24.05 -7.75 13.97
C THR D 159 25.41 -7.60 14.66
N TRP D 160 26.46 -7.56 13.87
CA TRP D 160 27.81 -7.40 14.41
C TRP D 160 28.38 -6.11 13.88
N ASN D 161 28.69 -5.18 14.82
CA ASN D 161 29.22 -3.85 14.54
C ASN D 161 28.28 -3.07 13.60
N SER D 162 26.96 -3.15 13.88
CA SER D 162 25.87 -2.50 13.13
C SER D 162 25.79 -2.95 11.65
N GLY D 163 26.09 -4.22 11.38
CA GLY D 163 26.02 -4.76 10.03
C GLY D 163 27.36 -4.86 9.31
N SER D 164 28.32 -4.02 9.69
CA SER D 164 29.64 -3.96 9.07
C SER D 164 30.45 -5.28 9.06
N LEU D 165 30.09 -6.27 9.89
CA LEU D 165 30.81 -7.55 9.92
C LEU D 165 30.08 -8.72 9.24
N SER D 166 28.97 -8.45 8.53
CA SER D 166 28.10 -9.40 7.83
C SER D 166 28.77 -10.59 7.11
N SER D 167 29.90 -10.36 6.43
CA SER D 167 30.62 -11.36 5.64
C SER D 167 30.92 -12.70 6.34
N GLY D 168 31.42 -12.65 7.58
CA GLY D 168 31.74 -13.87 8.32
C GLY D 168 30.79 -14.19 9.46
N VAL D 169 29.51 -13.77 9.34
CA VAL D 169 28.52 -14.01 10.41
C VAL D 169 27.60 -15.23 10.19
N HIS D 170 27.36 -16.00 11.26
CA HIS D 170 26.44 -17.13 11.29
C HIS D 170 25.49 -16.98 12.47
N THR D 171 24.24 -16.56 12.24
CA THR D 171 23.27 -16.52 13.34
C THR D 171 22.48 -17.82 13.30
N PHE D 172 22.64 -18.64 14.32
CA PHE D 172 22.01 -19.95 14.37
C PHE D 172 20.53 -19.90 14.71
N PRO D 173 19.72 -20.82 14.14
CA PRO D 173 18.29 -20.88 14.49
C PRO D 173 18.09 -21.09 16.01
N ALA D 174 17.14 -20.36 16.59
CA ALA D 174 16.84 -20.47 18.00
C ALA D 174 16.31 -21.84 18.36
N VAL D 175 16.62 -22.31 19.57
CA VAL D 175 16.10 -23.57 20.05
C VAL D 175 15.33 -23.37 21.36
N LEU D 176 14.40 -24.27 21.63
CA LEU D 176 13.57 -24.20 22.81
C LEU D 176 14.20 -24.91 24.02
N GLN D 177 14.50 -24.14 25.06
CA GLN D 177 15.04 -24.62 26.34
C GLN D 177 13.97 -24.22 27.35
N SER D 178 13.21 -25.20 27.84
CA SER D 178 12.03 -24.98 28.71
C SER D 178 10.95 -24.37 27.76
N ASP D 179 10.23 -23.31 28.16
CA ASP D 179 9.29 -22.64 27.29
C ASP D 179 9.94 -21.35 26.68
N LEU D 180 11.29 -21.23 26.70
CA LEU D 180 11.99 -20.05 26.20
C LEU D 180 12.98 -20.35 25.08
N TYR D 181 13.30 -19.35 24.25
CA TYR D 181 14.23 -19.52 23.14
C TYR D 181 15.62 -19.08 23.49
N THR D 182 16.59 -19.74 22.86
CA THR D 182 18.01 -19.44 23.01
C THR D 182 18.68 -19.60 21.65
N LEU D 183 19.57 -18.68 21.30
CA LEU D 183 20.34 -18.80 20.07
C LEU D 183 21.74 -18.23 20.24
N SER D 184 22.64 -18.66 19.37
CA SER D 184 23.99 -18.16 19.31
C SER D 184 24.27 -17.56 17.93
N SER D 185 25.22 -16.65 17.86
CA SER D 185 25.62 -16.03 16.61
C SER D 185 27.14 -15.96 16.60
N SER D 186 27.78 -16.41 15.52
CA SER D 186 29.23 -16.36 15.45
C SER D 186 29.71 -15.39 14.39
N VAL D 187 30.89 -14.82 14.61
CA VAL D 187 31.49 -13.88 13.67
C VAL D 187 32.97 -14.20 13.58
N THR D 188 33.52 -14.23 12.35
CA THR D 188 34.93 -14.50 12.16
C THR D 188 35.61 -13.30 11.53
N VAL D 189 36.65 -12.80 12.21
CA VAL D 189 37.42 -11.63 11.77
C VAL D 189 38.93 -11.99 11.81
N PRO D 190 39.80 -11.29 11.04
CA PRO D 190 41.24 -11.57 11.12
C PRO D 190 41.75 -11.27 12.54
N SER D 191 42.70 -12.07 13.04
CA SER D 191 43.25 -11.91 14.40
C SER D 191 43.86 -10.52 14.66
N SER D 192 44.21 -9.80 13.59
CA SER D 192 44.74 -8.44 13.66
C SER D 192 43.65 -7.41 14.02
N THR D 193 42.37 -7.74 13.80
CA THR D 193 41.26 -6.84 14.10
C THR D 193 40.70 -7.07 15.50
N TRP D 194 40.94 -8.24 16.12
CA TRP D 194 40.46 -8.50 17.47
C TRP D 194 41.58 -9.06 18.33
N PRO D 195 41.77 -8.53 19.56
CA PRO D 195 40.98 -7.49 20.21
C PRO D 195 41.45 -6.05 19.97
N SER D 196 42.21 -5.80 18.88
CA SER D 196 42.68 -4.46 18.53
C SER D 196 41.49 -3.50 18.35
N GLN D 197 40.59 -3.84 17.43
CA GLN D 197 39.36 -3.10 17.18
C GLN D 197 38.27 -3.92 17.86
N THR D 198 37.53 -3.29 18.78
CA THR D 198 36.46 -3.95 19.53
C THR D 198 35.33 -4.46 18.61
N VAL D 199 34.83 -5.67 18.90
CA VAL D 199 33.76 -6.31 18.13
C VAL D 199 32.53 -6.36 19.02
N THR D 200 31.36 -5.94 18.51
CA THR D 200 30.16 -5.83 19.33
C THR D 200 28.94 -6.50 18.70
N CYS D 201 28.18 -7.32 19.46
CA CYS D 201 26.94 -7.88 18.93
C CYS D 201 25.78 -7.01 19.38
N ASN D 202 24.88 -6.74 18.45
CA ASN D 202 23.73 -5.88 18.69
C ASN D 202 22.50 -6.77 18.62
N VAL D 203 21.78 -6.86 19.73
CA VAL D 203 20.61 -7.72 19.85
C VAL D 203 19.34 -6.89 20.03
N ALA D 204 18.33 -7.17 19.22
CA ALA D 204 17.06 -6.48 19.32
C ALA D 204 15.96 -7.52 19.49
N HIS D 205 15.10 -7.33 20.49
CA HIS D 205 13.99 -8.22 20.72
C HIS D 205 12.77 -7.31 20.66
N PRO D 206 12.16 -7.17 19.48
CA PRO D 206 11.06 -6.21 19.33
C PRO D 206 9.94 -6.29 20.36
N ALA D 207 9.44 -7.49 20.64
CA ALA D 207 8.35 -7.72 21.59
C ALA D 207 8.57 -7.12 22.98
N SER D 208 9.83 -7.07 23.44
CA SER D 208 10.12 -6.52 24.76
C SER D 208 10.78 -5.13 24.74
N SER D 209 10.85 -4.49 23.54
CA SER D 209 11.49 -3.19 23.32
C SER D 209 12.93 -3.19 23.88
N THR D 210 13.64 -4.29 23.67
CA THR D 210 14.99 -4.45 24.19
C THR D 210 16.04 -4.35 23.08
N LYS D 211 17.03 -3.50 23.29
CA LYS D 211 18.18 -3.36 22.40
C LYS D 211 19.43 -3.41 23.29
N VAL D 212 20.25 -4.46 23.13
CA VAL D 212 21.46 -4.67 23.92
C VAL D 212 22.71 -4.66 23.03
N ASP D 213 23.72 -3.87 23.41
CA ASP D 213 24.98 -3.80 22.67
C ASP D 213 26.02 -4.43 23.57
N LYS D 214 26.46 -5.66 23.26
CA LYS D 214 27.45 -6.37 24.08
C LYS D 214 28.79 -6.46 23.38
N LYS D 215 29.81 -5.82 23.96
CA LYS D 215 31.16 -5.81 23.43
C LYS D 215 31.89 -7.10 23.82
N ILE D 216 32.68 -7.70 22.88
CA ILE D 216 33.45 -8.90 23.18
C ILE D 216 34.85 -8.50 23.68
N VAL D 217 35.16 -8.84 24.93
CA VAL D 217 36.47 -8.55 25.54
C VAL D 217 37.25 -9.86 25.79
N PRO D 218 38.59 -9.85 25.66
CA PRO D 218 39.37 -11.08 25.88
C PRO D 218 39.24 -11.70 27.27
N ARG D 219 39.43 -13.02 27.36
CA ARG D 219 39.29 -13.71 28.64
C ARG D 219 40.48 -13.49 29.58
N ASP E 2 -8.36 -41.25 -0.77
CA ASP E 2 -7.61 -40.03 -1.09
C ASP E 2 -6.34 -40.33 -1.94
N ILE E 3 -6.02 -39.50 -2.93
CA ILE E 3 -4.83 -39.69 -3.76
C ILE E 3 -3.55 -39.36 -2.98
N GLN E 4 -2.60 -40.29 -2.88
CA GLN E 4 -1.33 -40.01 -2.21
C GLN E 4 -0.34 -39.70 -3.34
N MET E 5 0.42 -38.62 -3.16
CA MET E 5 1.45 -38.21 -4.10
C MET E 5 2.80 -38.59 -3.54
N THR E 6 3.53 -39.45 -4.25
CA THR E 6 4.87 -39.86 -3.81
C THR E 6 5.87 -39.02 -4.61
N GLN E 7 6.65 -38.18 -3.94
CA GLN E 7 7.62 -37.34 -4.62
C GLN E 7 9.05 -37.84 -4.40
N SER E 8 9.85 -37.94 -5.49
CA SER E 8 11.23 -38.43 -5.40
C SER E 8 12.19 -37.72 -6.37
N PRO E 9 13.49 -37.67 -6.03
CA PRO E 9 14.06 -37.96 -4.72
C PRO E 9 13.61 -36.86 -3.73
N SER E 10 13.59 -37.18 -2.43
CA SER E 10 13.23 -36.19 -1.41
C SER E 10 14.43 -35.26 -1.10
N SER E 11 15.66 -35.71 -1.37
CA SER E 11 16.84 -34.89 -1.16
C SER E 11 17.76 -35.07 -2.36
N LEU E 12 18.27 -33.96 -2.90
CA LEU E 12 19.12 -34.03 -4.08
C LEU E 12 20.19 -32.97 -4.04
N SER E 13 21.44 -33.36 -4.32
CA SER E 13 22.56 -32.42 -4.39
C SER E 13 23.13 -32.41 -5.83
N ALA E 14 23.32 -31.21 -6.40
CA ALA E 14 23.79 -31.05 -7.77
C ALA E 14 24.64 -29.76 -7.97
N SER E 15 25.36 -29.66 -9.09
CA SER E 15 26.21 -28.51 -9.41
C SER E 15 25.58 -27.59 -10.46
N LEU E 16 26.11 -26.36 -10.58
CA LEU E 16 25.72 -25.36 -11.58
C LEU E 16 25.90 -25.96 -12.97
N GLY E 17 24.94 -25.71 -13.86
CA GLY E 17 25.01 -26.21 -15.22
C GLY E 17 24.46 -27.59 -15.45
N GLU E 18 24.23 -28.35 -14.37
CA GLU E 18 23.70 -29.70 -14.46
C GLU E 18 22.19 -29.76 -14.69
N ARG E 19 21.74 -30.88 -15.26
CA ARG E 19 20.37 -31.17 -15.55
C ARG E 19 19.80 -32.08 -14.45
N VAL E 20 18.71 -31.66 -13.80
CA VAL E 20 18.05 -32.46 -12.74
C VAL E 20 16.60 -32.72 -13.10
N SER E 21 16.05 -33.81 -12.57
CA SER E 21 14.67 -34.16 -12.82
C SER E 21 14.03 -34.77 -11.57
N LEU E 22 12.87 -34.23 -11.16
CA LEU E 22 12.09 -34.68 -10.00
C LEU E 22 10.85 -35.42 -10.49
N THR E 23 10.37 -36.39 -9.72
CA THR E 23 9.21 -37.17 -10.13
C THR E 23 8.12 -37.21 -9.06
N CYS E 24 6.88 -37.21 -9.52
CA CYS E 24 5.74 -37.42 -8.66
C CYS E 24 4.90 -38.52 -9.22
N ARG E 25 4.52 -39.49 -8.35
CA ARG E 25 3.62 -40.55 -8.77
C ARG E 25 2.37 -40.48 -7.89
N ALA E 26 1.21 -40.60 -8.52
CA ALA E 26 -0.06 -40.55 -7.82
C ALA E 26 -0.58 -41.96 -7.63
N SER E 27 -1.21 -42.26 -6.49
CA SER E 27 -1.76 -43.59 -6.17
C SER E 27 -2.98 -43.95 -7.04
N ARG E 28 -3.67 -42.95 -7.62
CA ARG E 28 -4.80 -43.12 -8.55
C ARG E 28 -4.59 -42.13 -9.73
N GLU E 29 -5.32 -42.32 -10.81
CA GLU E 29 -5.28 -41.44 -11.98
C GLU E 29 -5.57 -39.94 -11.66
N ILE E 30 -4.64 -39.05 -12.02
CA ILE E 30 -4.85 -37.62 -11.82
C ILE E 30 -4.97 -36.84 -13.16
N SER E 31 -4.98 -37.52 -14.33
CA SER E 31 -5.17 -36.90 -15.66
C SER E 31 -4.42 -35.56 -15.94
N GLY E 32 -3.18 -35.42 -15.48
CA GLY E 32 -2.43 -34.18 -15.73
C GLY E 32 -2.82 -32.98 -14.90
N TYR E 33 -3.73 -33.10 -13.91
CA TYR E 33 -4.06 -31.97 -13.02
C TYR E 33 -3.01 -31.99 -11.89
N LEU E 34 -1.78 -31.64 -12.26
CA LEU E 34 -0.65 -31.60 -11.38
C LEU E 34 0.05 -30.26 -11.48
N THR E 35 0.48 -29.74 -10.34
CA THR E 35 1.18 -28.45 -10.30
C THR E 35 2.53 -28.65 -9.64
N TRP E 36 3.52 -27.86 -10.03
CA TRP E 36 4.84 -27.87 -9.42
C TRP E 36 5.07 -26.45 -8.86
N LEU E 37 5.47 -26.40 -7.61
CA LEU E 37 5.74 -25.19 -6.84
C LEU E 37 7.20 -25.20 -6.43
N GLN E 38 7.77 -24.00 -6.27
CA GLN E 38 9.13 -23.83 -5.73
C GLN E 38 9.01 -22.99 -4.44
N GLN E 39 9.74 -23.36 -3.37
CA GLN E 39 9.73 -22.57 -2.14
C GLN E 39 11.14 -22.23 -1.74
N LYS E 40 11.43 -20.95 -1.60
CA LYS E 40 12.76 -20.46 -1.24
C LYS E 40 12.98 -20.50 0.29
N PRO E 41 14.22 -20.40 0.81
CA PRO E 41 14.41 -20.40 2.28
C PRO E 41 13.60 -19.36 3.07
N ASP E 42 13.25 -18.20 2.46
CA ASP E 42 12.44 -17.20 3.15
C ASP E 42 10.94 -17.62 3.28
N GLY E 43 10.55 -18.72 2.61
CA GLY E 43 9.20 -19.25 2.63
C GLY E 43 8.32 -18.78 1.48
N THR E 44 8.89 -17.96 0.56
CA THR E 44 8.12 -17.48 -0.59
C THR E 44 7.85 -18.62 -1.61
N ILE E 45 6.62 -18.68 -2.11
CA ILE E 45 6.22 -19.73 -3.03
C ILE E 45 5.98 -19.17 -4.41
N LYS E 46 6.48 -19.86 -5.44
CA LYS E 46 6.28 -19.47 -6.83
C LYS E 46 5.74 -20.69 -7.56
N ARG E 47 4.75 -20.48 -8.43
CA ARG E 47 4.18 -21.57 -9.19
C ARG E 47 5.05 -21.73 -10.45
N LEU E 48 5.57 -22.96 -10.70
CA LEU E 48 6.44 -23.18 -11.86
C LEU E 48 5.67 -23.67 -13.04
N ILE E 49 4.86 -24.71 -12.78
CA ILE E 49 4.09 -25.48 -13.75
C ILE E 49 2.68 -25.72 -13.24
N TYR E 50 1.72 -25.82 -14.13
CA TYR E 50 0.38 -26.30 -13.77
C TYR E 50 -0.09 -27.14 -14.95
N ALA E 51 -1.17 -27.93 -14.78
CA ALA E 51 -1.69 -28.84 -15.78
C ALA E 51 -0.58 -29.76 -16.34
N ALA E 52 0.34 -30.18 -15.44
CA ALA E 52 1.51 -31.07 -15.63
C ALA E 52 2.63 -30.53 -16.52
N SER E 53 2.31 -29.75 -17.59
CA SER E 53 3.33 -29.29 -18.54
C SER E 53 3.23 -27.81 -18.95
N THR E 54 2.21 -27.08 -18.43
CA THR E 54 2.07 -25.68 -18.77
C THR E 54 3.00 -24.86 -17.90
N LEU E 55 3.98 -24.21 -18.55
CA LEU E 55 4.97 -23.37 -17.87
C LEU E 55 4.26 -22.07 -17.52
N ASP E 56 4.32 -21.68 -16.23
CA ASP E 56 3.67 -20.46 -15.79
C ASP E 56 4.44 -19.24 -16.32
N SER E 57 3.75 -18.08 -16.50
CA SER E 57 4.40 -16.82 -16.92
C SER E 57 5.45 -16.43 -15.89
N GLY E 58 6.55 -15.85 -16.35
CA GLY E 58 7.65 -15.43 -15.49
C GLY E 58 8.49 -16.56 -14.91
N VAL E 59 8.45 -17.73 -15.54
CA VAL E 59 9.24 -18.87 -15.07
C VAL E 59 10.33 -19.08 -16.13
N PRO E 60 11.62 -19.10 -15.72
CA PRO E 60 12.71 -19.30 -16.70
C PRO E 60 12.51 -20.51 -17.58
N LYS E 61 12.92 -20.40 -18.84
CA LYS E 61 12.68 -21.46 -19.81
C LYS E 61 13.49 -22.75 -19.53
N ARG E 62 14.45 -22.71 -18.58
CA ARG E 62 15.19 -23.91 -18.21
C ARG E 62 14.32 -24.94 -17.42
N PHE E 63 13.14 -24.53 -16.96
CA PHE E 63 12.17 -25.36 -16.24
C PHE E 63 11.15 -25.96 -17.21
N SER E 64 10.82 -27.25 -17.06
CA SER E 64 9.80 -27.89 -17.88
C SER E 64 9.11 -28.98 -17.11
N GLY E 65 7.86 -29.21 -17.44
CA GLY E 65 7.08 -30.24 -16.80
C GLY E 65 6.59 -31.23 -17.84
N SER E 66 6.50 -32.50 -17.50
CA SER E 66 5.96 -33.49 -18.43
C SER E 66 5.21 -34.58 -17.73
N ARG E 67 4.30 -35.24 -18.46
CA ARG E 67 3.64 -36.42 -17.95
C ARG E 67 3.96 -37.53 -18.97
N SER E 68 4.45 -38.67 -18.49
CA SER E 68 4.67 -39.80 -19.40
C SER E 68 4.39 -41.02 -18.62
N GLY E 69 3.31 -41.68 -19.00
CA GLY E 69 2.85 -42.89 -18.33
C GLY E 69 2.42 -42.60 -16.92
N SER E 70 3.06 -43.27 -15.96
CA SER E 70 2.74 -43.05 -14.55
C SER E 70 3.54 -41.88 -13.94
N ASP E 71 4.51 -41.33 -14.69
CA ASP E 71 5.42 -40.34 -14.15
C ASP E 71 5.10 -38.87 -14.47
N TYR E 72 5.19 -38.03 -13.44
CA TYR E 72 5.05 -36.59 -13.61
C TYR E 72 6.39 -36.03 -13.27
N SER E 73 7.03 -35.33 -14.22
CA SER E 73 8.36 -34.82 -13.96
C SER E 73 8.52 -33.31 -14.07
N LEU E 74 9.36 -32.77 -13.21
CA LEU E 74 9.79 -31.39 -13.26
C LEU E 74 11.28 -31.49 -13.64
N THR E 75 11.71 -30.85 -14.73
CA THR E 75 13.08 -30.89 -15.21
C THR E 75 13.73 -29.51 -15.29
N ILE E 76 14.89 -29.33 -14.67
CA ILE E 76 15.66 -28.09 -14.80
C ILE E 76 16.86 -28.44 -15.70
N SER E 77 16.85 -27.97 -16.96
CA SER E 77 17.85 -28.31 -17.97
C SER E 77 19.30 -27.95 -17.62
N SER E 78 19.53 -26.84 -16.90
CA SER E 78 20.84 -26.35 -16.52
C SER E 78 20.69 -25.46 -15.31
N LEU E 79 21.05 -25.98 -14.14
CA LEU E 79 20.92 -25.30 -12.85
C LEU E 79 21.64 -23.97 -12.68
N GLU E 80 20.90 -22.98 -12.23
CA GLU E 80 21.41 -21.66 -11.87
C GLU E 80 21.37 -21.59 -10.34
N SER E 81 22.04 -20.59 -9.76
CA SER E 81 22.12 -20.44 -8.30
C SER E 81 20.77 -20.33 -7.63
N GLU E 82 19.82 -19.65 -8.29
CA GLU E 82 18.46 -19.42 -7.78
C GLU E 82 17.61 -20.72 -7.75
N ASP E 83 18.07 -21.80 -8.38
CA ASP E 83 17.31 -23.04 -8.44
C ASP E 83 17.43 -23.93 -7.19
N PHE E 84 18.44 -23.70 -6.36
CA PHE E 84 18.63 -24.49 -5.15
C PHE E 84 17.59 -24.01 -4.16
N ALA E 85 16.55 -24.84 -3.94
CA ALA E 85 15.33 -24.50 -3.20
C ALA E 85 14.50 -25.80 -2.86
N ASP E 86 13.32 -25.67 -2.22
CA ASP E 86 12.44 -26.80 -2.01
C ASP E 86 11.44 -26.85 -3.17
N TYR E 87 10.99 -28.05 -3.54
CA TYR E 87 10.04 -28.20 -4.64
C TYR E 87 8.90 -29.12 -4.20
N TYR E 88 7.67 -28.81 -4.61
CA TYR E 88 6.51 -29.60 -4.23
C TYR E 88 5.61 -29.82 -5.40
N CYS E 89 5.11 -31.04 -5.54
CA CYS E 89 4.04 -31.27 -6.52
C CYS E 89 2.70 -31.22 -5.76
N LEU E 90 1.62 -30.95 -6.48
CA LEU E 90 0.30 -30.84 -5.89
C LEU E 90 -0.70 -31.31 -6.91
N GLN E 91 -1.53 -32.30 -6.54
CA GLN E 91 -2.60 -32.73 -7.41
C GLN E 91 -3.89 -31.99 -7.06
N TYR E 92 -4.66 -31.67 -8.08
CA TYR E 92 -5.96 -31.02 -7.98
C TYR E 92 -6.99 -31.66 -8.90
N ALA E 93 -6.77 -32.95 -9.24
CA ALA E 93 -7.72 -33.74 -10.03
C ALA E 93 -8.92 -34.17 -9.15
N SER E 94 -8.73 -34.28 -7.83
CA SER E 94 -9.76 -34.72 -6.93
C SER E 94 -9.62 -34.07 -5.58
N TYR E 95 -10.75 -33.92 -4.91
CA TYR E 95 -10.80 -33.45 -3.53
C TYR E 95 -10.68 -34.69 -2.63
N PRO E 96 -9.91 -34.63 -1.54
CA PRO E 96 -9.11 -33.48 -1.08
C PRO E 96 -7.83 -33.31 -1.93
N TRP E 97 -7.37 -32.05 -2.11
CA TRP E 97 -6.12 -31.83 -2.87
C TRP E 97 -4.98 -32.34 -2.02
N THR E 98 -3.91 -32.84 -2.64
CA THR E 98 -2.79 -33.39 -1.88
C THR E 98 -1.43 -32.98 -2.43
N PHE E 99 -0.51 -32.79 -1.50
CA PHE E 99 0.83 -32.40 -1.83
C PHE E 99 1.79 -33.62 -1.80
N GLY E 100 2.81 -33.57 -2.65
CA GLY E 100 3.92 -34.52 -2.55
C GLY E 100 4.74 -34.11 -1.33
N GLY E 101 5.63 -34.97 -0.87
CA GLY E 101 6.43 -34.72 0.34
C GLY E 101 7.55 -33.69 0.25
N GLY E 102 7.89 -33.29 -0.96
CA GLY E 102 8.94 -32.31 -1.19
C GLY E 102 10.29 -32.88 -1.58
N THR E 103 11.10 -32.02 -2.21
CA THR E 103 12.47 -32.32 -2.60
C THR E 103 13.31 -31.13 -2.19
N LYS E 104 14.34 -31.36 -1.37
CA LYS E 104 15.28 -30.30 -1.02
C LYS E 104 16.43 -30.39 -2.03
N LEU E 105 16.58 -29.37 -2.89
CA LEU E 105 17.64 -29.34 -3.88
C LEU E 105 18.79 -28.47 -3.40
N GLU E 106 19.89 -29.12 -3.03
CA GLU E 106 21.07 -28.45 -2.51
C GLU E 106 22.25 -28.50 -3.52
N ILE E 107 23.22 -27.59 -3.35
CA ILE E 107 24.34 -27.50 -4.26
C ILE E 107 25.56 -28.26 -3.74
N LYS E 108 26.21 -29.05 -4.60
CA LYS E 108 27.40 -29.78 -4.15
C LYS E 108 28.66 -28.92 -4.26
N ARG E 109 29.64 -29.20 -3.40
CA ARG E 109 30.93 -28.51 -3.38
C ARG E 109 32.04 -29.47 -2.87
N ALA E 110 33.29 -28.98 -2.81
CA ALA E 110 34.40 -29.80 -2.35
C ALA E 110 34.27 -30.04 -0.85
N ASP E 111 34.78 -31.17 -0.39
CA ASP E 111 34.78 -31.51 1.03
C ASP E 111 35.56 -30.47 1.82
N ALA E 112 34.95 -29.97 2.89
CA ALA E 112 35.54 -28.92 3.71
C ALA E 112 35.47 -29.36 5.15
N ALA E 113 36.58 -29.25 5.87
CA ALA E 113 36.60 -29.64 7.28
C ALA E 113 36.09 -28.45 8.11
N PRO E 114 35.40 -28.74 9.22
CA PRO E 114 34.90 -27.65 10.07
C PRO E 114 35.99 -26.93 10.86
N THR E 115 35.71 -25.67 11.24
CA THR E 115 36.57 -24.85 12.10
C THR E 115 35.91 -24.98 13.48
N VAL E 116 36.60 -25.61 14.46
CA VAL E 116 36.01 -25.77 15.80
C VAL E 116 36.50 -24.67 16.79
N SER E 117 35.55 -24.07 17.54
CA SER E 117 35.85 -23.02 18.51
C SER E 117 35.09 -23.29 19.81
N ILE E 118 35.81 -23.43 20.93
CA ILE E 118 35.17 -23.64 22.23
C ILE E 118 35.22 -22.33 23.08
N PHE E 119 34.12 -22.03 23.77
CA PHE E 119 33.99 -20.80 24.54
C PHE E 119 33.57 -21.04 25.99
N PRO E 120 34.43 -20.64 26.94
CA PRO E 120 34.06 -20.74 28.36
C PRO E 120 32.90 -19.79 28.70
N PRO E 121 32.14 -20.06 29.77
CA PRO E 121 31.06 -19.13 30.14
C PRO E 121 31.63 -17.75 30.52
N SER E 122 30.86 -16.69 30.28
CA SER E 122 31.31 -15.33 30.57
C SER E 122 31.14 -15.00 32.06
N SER E 123 31.95 -14.06 32.58
CA SER E 123 31.81 -13.66 33.98
C SER E 123 30.47 -12.97 34.26
N GLU E 124 29.85 -12.38 33.25
CA GLU E 124 28.54 -11.75 33.37
C GLU E 124 27.47 -12.83 33.64
N GLN E 125 27.59 -13.99 32.99
CA GLN E 125 26.67 -15.11 33.20
C GLN E 125 26.92 -15.79 34.55
N LEU E 126 28.18 -15.99 34.91
CA LEU E 126 28.57 -16.62 36.18
C LEU E 126 27.98 -15.89 37.39
N THR E 127 27.88 -14.55 37.29
CA THR E 127 27.29 -13.68 38.30
C THR E 127 25.81 -14.03 38.54
N SER E 128 25.09 -14.46 37.49
CA SER E 128 23.70 -14.88 37.62
C SER E 128 23.52 -16.34 38.13
N GLY E 129 24.61 -17.09 38.24
CA GLY E 129 24.56 -18.46 38.71
C GLY E 129 24.51 -19.51 37.62
N GLY E 130 24.48 -19.08 36.36
CA GLY E 130 24.49 -19.95 35.20
C GLY E 130 25.88 -20.08 34.62
N ALA E 131 26.09 -21.08 33.77
CA ALA E 131 27.38 -21.32 33.11
C ALA E 131 27.18 -22.15 31.83
N SER E 132 27.26 -21.51 30.67
CA SER E 132 27.07 -22.18 29.39
C SER E 132 28.39 -22.28 28.64
N VAL E 133 28.65 -23.47 28.11
CA VAL E 133 29.85 -23.72 27.32
C VAL E 133 29.36 -23.88 25.88
N VAL E 134 29.88 -23.07 24.96
CA VAL E 134 29.45 -23.08 23.58
C VAL E 134 30.54 -23.63 22.66
N CYS E 135 30.15 -24.35 21.62
CA CYS E 135 31.09 -24.88 20.64
C CYS E 135 30.56 -24.59 19.25
N PHE E 136 31.40 -24.03 18.37
CA PHE E 136 31.00 -23.74 17.00
C PHE E 136 31.77 -24.65 16.07
N LEU E 137 31.05 -25.35 15.21
CA LEU E 137 31.61 -26.25 14.20
C LEU E 137 31.20 -25.53 12.93
N ASN E 138 32.04 -24.62 12.43
CA ASN E 138 31.66 -23.77 11.30
C ASN E 138 32.21 -24.17 9.93
N ASN E 139 31.44 -23.82 8.89
CA ASN E 139 31.69 -23.93 7.46
C ASN E 139 32.33 -25.25 6.97
N PHE E 140 31.63 -26.37 7.19
CA PHE E 140 32.03 -27.71 6.75
C PHE E 140 31.13 -28.21 5.58
N TYR E 141 31.55 -29.29 4.92
CA TYR E 141 30.82 -29.93 3.82
C TYR E 141 31.33 -31.37 3.65
N PRO E 142 30.45 -32.40 3.57
CA PRO E 142 28.97 -32.36 3.60
C PRO E 142 28.34 -32.08 4.97
N LYS E 143 27.01 -31.84 5.00
CA LYS E 143 26.21 -31.49 6.19
C LYS E 143 26.26 -32.48 7.37
N ASP E 144 26.60 -33.74 7.10
CA ASP E 144 26.66 -34.80 8.10
C ASP E 144 27.84 -34.59 9.05
N ILE E 145 27.57 -34.45 10.34
CA ILE E 145 28.62 -34.22 11.34
C ILE E 145 28.15 -34.68 12.72
N ASN E 146 29.10 -34.96 13.62
CA ASN E 146 28.81 -35.37 14.98
C ASN E 146 29.69 -34.61 15.97
N VAL E 147 29.13 -34.31 17.14
CA VAL E 147 29.82 -33.57 18.17
C VAL E 147 29.72 -34.36 19.49
N LYS E 148 30.82 -34.37 20.26
CA LYS E 148 30.87 -35.04 21.54
C LYS E 148 31.46 -34.07 22.57
N TRP E 149 30.86 -34.01 23.74
CA TRP E 149 31.33 -33.16 24.81
C TRP E 149 32.04 -34.02 25.85
N LYS E 150 33.17 -33.54 26.38
CA LYS E 150 33.92 -34.28 27.39
C LYS E 150 34.36 -33.35 28.51
N ILE E 151 34.03 -33.69 29.75
CA ILE E 151 34.38 -32.91 30.91
C ILE E 151 35.30 -33.76 31.77
N ASP E 152 36.57 -33.34 31.89
CA ASP E 152 37.61 -34.06 32.64
C ASP E 152 37.79 -35.45 32.02
N GLY E 153 37.89 -35.48 30.68
CA GLY E 153 38.08 -36.70 29.90
C GLY E 153 36.91 -37.66 29.79
N SER E 154 35.78 -37.34 30.42
CA SER E 154 34.60 -38.21 30.39
C SER E 154 33.46 -37.58 29.58
N GLU E 155 32.81 -38.39 28.72
CA GLU E 155 31.73 -37.88 27.87
C GLU E 155 30.48 -37.38 28.61
N ARG E 156 30.00 -36.19 28.22
CA ARG E 156 28.74 -35.66 28.75
C ARG E 156 27.75 -35.63 27.62
N GLN E 157 26.64 -36.31 27.81
CA GLN E 157 25.56 -36.41 26.83
C GLN E 157 24.36 -35.58 27.24
N ASN E 158 24.24 -35.19 28.51
CA ASN E 158 23.11 -34.41 28.99
C ASN E 158 23.39 -32.92 29.08
N GLY E 159 22.32 -32.14 28.93
CA GLY E 159 22.36 -30.68 28.94
C GLY E 159 22.91 -30.09 27.65
N VAL E 160 22.86 -30.86 26.55
CA VAL E 160 23.40 -30.41 25.28
C VAL E 160 22.27 -30.08 24.32
N LEU E 161 22.36 -28.90 23.66
CA LEU E 161 21.39 -28.49 22.65
C LEU E 161 22.16 -28.09 21.39
N ASN E 162 21.67 -28.54 20.22
CA ASN E 162 22.33 -28.23 18.96
C ASN E 162 21.45 -27.43 18.01
N SER E 163 22.10 -26.68 17.13
CA SER E 163 21.41 -25.87 16.15
C SER E 163 22.18 -25.95 14.85
N TRP E 164 21.50 -26.10 13.73
CA TRP E 164 22.14 -26.26 12.44
C TRP E 164 21.67 -25.21 11.46
N THR E 165 22.59 -24.65 10.65
CA THR E 165 22.20 -23.66 9.64
C THR E 165 21.78 -24.33 8.32
N ASP E 166 21.05 -23.58 7.49
CA ASP E 166 20.71 -23.97 6.14
C ASP E 166 22.04 -23.82 5.33
N GLN E 167 22.12 -24.43 4.13
CA GLN E 167 23.31 -24.29 3.29
C GLN E 167 23.56 -22.84 2.92
N ASP E 168 24.78 -22.37 3.15
CA ASP E 168 25.16 -20.98 2.92
C ASP E 168 25.05 -20.55 1.45
N SER E 169 24.43 -19.37 1.22
CA SER E 169 24.24 -18.78 -0.10
C SER E 169 25.57 -18.49 -0.79
N LYS E 170 26.59 -18.09 -0.01
CA LYS E 170 27.89 -17.73 -0.54
C LYS E 170 28.87 -18.90 -0.74
N ASP E 171 29.24 -19.66 0.33
CA ASP E 171 30.24 -20.73 0.15
C ASP E 171 29.70 -22.16 0.12
N SER E 172 28.36 -22.34 0.20
CA SER E 172 27.69 -23.66 0.14
C SER E 172 28.04 -24.61 1.30
N THR E 173 28.59 -24.05 2.39
CA THR E 173 28.94 -24.84 3.55
C THR E 173 27.76 -24.87 4.54
N TYR E 174 27.84 -25.75 5.54
CA TYR E 174 26.92 -25.86 6.65
C TYR E 174 27.66 -25.52 7.96
N SER E 175 26.92 -25.12 8.99
CA SER E 175 27.52 -24.84 10.30
C SER E 175 26.62 -25.35 11.41
N MET E 176 27.21 -25.62 12.59
CA MET E 176 26.45 -26.04 13.73
C MET E 176 27.00 -25.46 15.04
N SER E 177 26.12 -25.33 16.03
CA SER E 177 26.49 -24.86 17.36
C SER E 177 26.00 -25.87 18.37
N SER E 178 26.85 -26.22 19.31
CA SER E 178 26.51 -27.16 20.34
C SER E 178 26.70 -26.45 21.66
N THR E 179 25.63 -26.35 22.45
CA THR E 179 25.70 -25.64 23.72
C THR E 179 25.45 -26.58 24.88
N LEU E 180 26.37 -26.57 25.81
CA LEU E 180 26.31 -27.34 27.04
C LEU E 180 25.86 -26.40 28.16
N THR E 181 24.70 -26.67 28.76
CA THR E 181 24.15 -25.84 29.82
C THR E 181 24.49 -26.43 31.18
N LEU E 182 25.26 -25.66 31.96
CA LEU E 182 25.62 -26.06 33.31
C LEU E 182 25.17 -24.96 34.29
N THR E 183 25.42 -25.14 35.58
CA THR E 183 25.22 -24.07 36.56
C THR E 183 26.63 -23.59 36.95
N LYS E 184 26.75 -22.45 37.63
CA LYS E 184 28.03 -21.91 38.07
C LYS E 184 28.75 -22.91 38.99
N ASP E 185 28.00 -23.53 39.90
CA ASP E 185 28.57 -24.51 40.82
C ASP E 185 29.04 -25.75 40.08
N GLU E 186 28.22 -26.29 39.16
CA GLU E 186 28.61 -27.44 38.34
C GLU E 186 29.85 -27.15 37.51
N TYR E 187 29.92 -25.95 36.94
CA TYR E 187 31.07 -25.55 36.13
C TYR E 187 32.33 -25.44 36.99
N GLU E 188 32.19 -24.98 38.24
CA GLU E 188 33.33 -24.86 39.15
C GLU E 188 33.79 -26.24 39.69
N ARG E 189 32.95 -27.28 39.59
CA ARG E 189 33.35 -28.62 40.04
C ARG E 189 34.25 -29.36 39.07
N HIS E 190 34.56 -28.78 37.92
CA HIS E 190 35.37 -29.44 36.92
C HIS E 190 36.38 -28.51 36.30
N ASN E 191 37.39 -29.06 35.65
CA ASN E 191 38.48 -28.30 35.11
C ASN E 191 38.57 -28.37 33.60
N SER E 192 38.59 -29.59 33.03
CA SER E 192 38.74 -29.75 31.60
C SER E 192 37.38 -29.77 30.89
N TYR E 193 37.27 -29.05 29.78
CA TYR E 193 36.05 -28.95 29.00
C TYR E 193 36.41 -29.08 27.54
N THR E 194 35.92 -30.15 26.91
CA THR E 194 36.26 -30.49 25.54
C THR E 194 35.06 -30.66 24.64
N CYS E 195 35.24 -30.25 23.40
CA CYS E 195 34.25 -30.39 22.35
C CYS E 195 35.00 -31.08 21.21
N GLU E 196 34.57 -32.29 20.81
CA GLU E 196 35.21 -33.05 19.73
C GLU E 196 34.26 -33.16 18.55
N ALA E 197 34.76 -32.97 17.34
CA ALA E 197 33.93 -33.05 16.14
C ALA E 197 34.39 -34.18 15.19
N THR E 198 33.46 -35.06 14.76
CA THR E 198 33.80 -36.11 13.79
C THR E 198 33.13 -35.80 12.47
N HIS E 199 33.91 -35.81 11.40
CA HIS E 199 33.44 -35.46 10.07
C HIS E 199 34.23 -36.31 9.04
N LYS E 200 33.57 -36.77 7.96
CA LYS E 200 34.18 -37.62 6.93
C LYS E 200 35.47 -37.04 6.30
N THR E 201 35.76 -35.75 6.51
CA THR E 201 36.98 -35.11 6.03
C THR E 201 38.24 -35.45 6.87
N SER E 202 38.10 -36.34 7.89
CA SER E 202 39.22 -36.77 8.73
C SER E 202 38.86 -37.97 9.59
N THR E 203 39.82 -38.88 9.76
CA THR E 203 39.63 -40.09 10.57
C THR E 203 39.60 -39.74 12.06
N SER E 204 40.55 -38.91 12.51
CA SER E 204 40.63 -38.49 13.90
C SER E 204 39.66 -37.34 14.16
N PRO E 205 39.04 -37.29 15.37
CA PRO E 205 38.15 -36.17 15.67
C PRO E 205 38.91 -34.87 15.86
N ILE E 206 38.32 -33.73 15.44
CA ILE E 206 38.91 -32.42 15.64
C ILE E 206 38.59 -32.03 17.08
N VAL E 207 39.60 -31.98 17.93
CA VAL E 207 39.43 -31.72 19.35
C VAL E 207 39.82 -30.30 19.73
N LYS E 208 38.91 -29.58 20.41
CA LYS E 208 39.13 -28.23 20.89
C LYS E 208 38.77 -28.24 22.36
N SER E 209 39.67 -27.72 23.21
CA SER E 209 39.45 -27.77 24.65
C SER E 209 39.96 -26.52 25.41
N PHE E 210 39.53 -26.38 26.67
CA PHE E 210 39.98 -25.31 27.53
C PHE E 210 40.01 -25.80 28.98
N ASN E 211 40.92 -25.24 29.76
CA ASN E 211 41.03 -25.57 31.16
C ASN E 211 40.55 -24.37 31.96
N ARG E 212 39.63 -24.61 32.91
CA ARG E 212 39.06 -23.55 33.74
C ARG E 212 40.14 -22.77 34.51
N ASN E 213 41.18 -23.46 35.02
CA ASN E 213 42.30 -22.85 35.76
C ASN E 213 43.17 -21.90 34.89
N GLU E 214 43.56 -22.32 33.68
CA GLU E 214 44.35 -21.46 32.79
C GLU E 214 43.43 -20.44 32.10
N LEU F 6 -57.56 -7.08 -31.83
CA LEU F 6 -56.79 -6.69 -30.66
C LEU F 6 -55.78 -7.76 -30.25
N CYS F 7 -54.69 -7.34 -29.60
CA CYS F 7 -53.62 -8.24 -29.16
C CYS F 7 -54.02 -9.00 -27.92
N PRO F 8 -53.84 -10.33 -27.88
CA PRO F 8 -54.24 -11.10 -26.70
C PRO F 8 -53.25 -11.01 -25.54
N PHE F 9 -53.26 -9.86 -24.84
CA PHE F 9 -52.39 -9.63 -23.69
C PHE F 9 -52.80 -10.45 -22.46
N GLY F 10 -54.07 -10.79 -22.36
CA GLY F 10 -54.58 -11.63 -21.29
C GLY F 10 -54.01 -13.03 -21.33
N GLU F 11 -53.63 -13.51 -22.53
CA GLU F 11 -53.01 -14.82 -22.67
C GLU F 11 -51.61 -14.80 -22.01
N VAL F 12 -50.89 -13.69 -22.11
CA VAL F 12 -49.56 -13.51 -21.54
C VAL F 12 -49.60 -13.18 -20.04
N PHE F 13 -50.33 -12.12 -19.65
CA PHE F 13 -50.42 -11.69 -18.25
C PHE F 13 -51.28 -12.61 -17.38
N ASN F 14 -52.22 -13.35 -17.98
CA ASN F 14 -53.12 -14.20 -17.19
C ASN F 14 -52.98 -15.69 -17.47
N ALA F 15 -51.80 -16.15 -17.90
CA ALA F 15 -51.57 -17.59 -18.09
C ALA F 15 -51.66 -18.31 -16.73
N THR F 16 -52.12 -19.58 -16.71
CA THR F 16 -52.28 -20.37 -15.50
C THR F 16 -50.96 -20.56 -14.74
N ARG F 17 -49.91 -20.88 -15.48
CA ARG F 17 -48.57 -21.04 -14.90
C ARG F 17 -47.55 -20.28 -15.76
N PHE F 18 -46.46 -19.86 -15.15
CA PHE F 18 -45.41 -19.12 -15.87
C PHE F 18 -44.15 -19.96 -16.02
N ALA F 19 -43.26 -19.56 -16.93
CA ALA F 19 -42.01 -20.27 -17.14
C ALA F 19 -41.01 -19.98 -16.00
N SER F 20 -40.01 -20.89 -15.82
CA SER F 20 -38.91 -20.68 -14.88
C SER F 20 -38.03 -19.61 -15.54
N VAL F 21 -37.42 -18.72 -14.76
CA VAL F 21 -36.62 -17.63 -15.31
C VAL F 21 -35.44 -18.12 -16.23
N TYR F 22 -34.81 -19.30 -15.95
CA TYR F 22 -33.71 -19.78 -16.81
C TYR F 22 -34.19 -20.14 -18.23
N ALA F 23 -35.42 -20.62 -18.31
CA ALA F 23 -36.07 -21.04 -19.52
C ALA F 23 -37.21 -20.03 -19.83
N TRP F 24 -36.92 -18.73 -19.72
CA TRP F 24 -37.94 -17.68 -19.87
C TRP F 24 -38.68 -17.75 -21.21
N ASN F 25 -40.00 -17.59 -21.16
CA ASN F 25 -40.84 -17.69 -22.34
C ASN F 25 -40.87 -16.42 -23.16
N ARG F 26 -40.91 -16.53 -24.50
CA ARG F 26 -41.04 -15.38 -25.40
C ARG F 26 -42.31 -15.55 -26.22
N LYS F 27 -43.19 -14.54 -26.18
CA LYS F 27 -44.43 -14.55 -26.93
C LYS F 27 -44.34 -13.46 -28.00
N ARG F 28 -44.67 -13.83 -29.24
CA ARG F 28 -44.61 -12.91 -30.36
C ARG F 28 -45.96 -12.23 -30.59
N ILE F 29 -45.99 -10.90 -30.56
CA ILE F 29 -47.20 -10.11 -30.75
C ILE F 29 -47.13 -9.30 -32.05
N SER F 30 -48.10 -9.53 -32.96
CA SER F 30 -48.15 -8.87 -34.27
C SER F 30 -49.57 -8.88 -34.88
N ASN F 31 -49.79 -8.07 -35.96
CA ASN F 31 -51.06 -7.98 -36.69
C ASN F 31 -52.23 -7.70 -35.74
N CYS F 32 -52.10 -6.65 -34.91
CA CYS F 32 -53.13 -6.33 -33.91
C CYS F 32 -53.05 -4.89 -33.39
N VAL F 33 -54.10 -4.44 -32.67
CA VAL F 33 -54.19 -3.11 -32.05
C VAL F 33 -54.06 -3.31 -30.52
N ALA F 34 -53.22 -2.50 -29.85
CA ALA F 34 -53.02 -2.65 -28.41
C ALA F 34 -53.26 -1.38 -27.62
N ASP F 35 -53.87 -1.49 -26.43
CA ASP F 35 -54.08 -0.33 -25.56
C ASP F 35 -53.17 -0.47 -24.33
N TYR F 36 -52.03 0.22 -24.37
CA TYR F 36 -51.03 0.20 -23.32
C TYR F 36 -51.47 1.00 -22.08
N SER F 37 -52.27 2.05 -22.27
CA SER F 37 -52.78 2.86 -21.16
C SER F 37 -53.75 2.08 -20.28
N VAL F 38 -54.55 1.19 -20.89
CA VAL F 38 -55.49 0.31 -20.19
C VAL F 38 -54.72 -0.73 -19.35
N LEU F 39 -53.62 -1.27 -19.91
CA LEU F 39 -52.78 -2.23 -19.21
C LEU F 39 -52.11 -1.57 -17.99
N TYR F 40 -51.65 -0.32 -18.17
CA TYR F 40 -50.98 0.48 -17.15
C TYR F 40 -51.78 0.58 -15.85
N ASN F 41 -53.09 0.86 -15.95
CA ASN F 41 -53.94 0.98 -14.77
C ASN F 41 -55.06 -0.07 -14.75
N SER F 46 -48.88 -3.40 -10.56
CA SER F 46 -47.89 -3.32 -9.48
C SER F 46 -46.59 -2.60 -9.99
N THR F 47 -45.51 -3.32 -10.33
CA THR F 47 -44.32 -2.69 -10.90
C THR F 47 -44.58 -2.46 -12.39
N PHE F 48 -44.45 -1.21 -12.88
CA PHE F 48 -44.65 -0.91 -14.29
C PHE F 48 -43.66 0.16 -14.69
N LYS F 49 -42.40 -0.21 -15.00
CA LYS F 49 -41.38 0.78 -15.37
C LYS F 49 -41.06 0.73 -16.86
N CYS F 50 -41.27 1.85 -17.57
CA CYS F 50 -40.94 1.92 -18.98
C CYS F 50 -39.63 2.68 -19.16
N TYR F 51 -38.80 2.20 -20.09
CA TYR F 51 -37.49 2.78 -20.32
C TYR F 51 -37.42 3.55 -21.64
N GLY F 52 -38.15 3.08 -22.64
CA GLY F 52 -38.18 3.76 -23.93
C GLY F 52 -39.03 5.02 -23.91
N VAL F 53 -40.35 4.85 -24.02
CA VAL F 53 -41.31 5.97 -24.02
C VAL F 53 -42.31 5.82 -22.84
N SER F 54 -43.09 6.86 -22.54
CA SER F 54 -44.14 6.79 -21.53
C SER F 54 -45.26 5.87 -22.09
N PRO F 55 -46.05 5.19 -21.23
CA PRO F 55 -47.14 4.35 -21.77
C PRO F 55 -48.14 5.12 -22.65
N THR F 56 -48.31 6.44 -22.38
CA THR F 56 -49.22 7.27 -23.18
C THR F 56 -48.59 7.62 -24.55
N LYS F 57 -47.25 7.76 -24.60
CA LYS F 57 -46.53 7.99 -25.87
C LYS F 57 -46.53 6.72 -26.73
N LEU F 58 -46.52 5.52 -26.08
CA LEU F 58 -46.58 4.21 -26.72
C LEU F 58 -47.91 4.01 -27.46
N ASN F 59 -49.00 4.55 -26.91
CA ASN F 59 -50.30 4.47 -27.58
C ASN F 59 -50.34 5.32 -28.88
N ASP F 60 -49.41 6.28 -29.04
CA ASP F 60 -49.30 7.15 -30.22
C ASP F 60 -48.25 6.67 -31.24
N LEU F 61 -47.74 5.42 -31.10
CA LEU F 61 -46.74 4.90 -32.03
C LEU F 61 -47.09 3.51 -32.60
N CYS F 62 -46.42 3.13 -33.70
CA CYS F 62 -46.60 1.86 -34.38
C CYS F 62 -45.28 1.12 -34.42
N PHE F 63 -45.34 -0.21 -34.27
CA PHE F 63 -44.15 -1.08 -34.33
C PHE F 63 -44.43 -2.27 -35.27
N THR F 64 -43.37 -2.87 -35.82
CA THR F 64 -43.52 -4.04 -36.68
C THR F 64 -43.91 -5.25 -35.81
N ASN F 65 -43.23 -5.42 -34.64
CA ASN F 65 -43.52 -6.52 -33.70
C ASN F 65 -43.35 -6.11 -32.22
N VAL F 66 -44.10 -6.74 -31.34
CA VAL F 66 -43.92 -6.55 -29.90
C VAL F 66 -43.59 -7.91 -29.27
N TYR F 67 -42.56 -7.99 -28.43
CA TYR F 67 -42.19 -9.23 -27.78
C TYR F 67 -42.51 -9.19 -26.28
N ALA F 68 -43.18 -10.23 -25.78
CA ALA F 68 -43.55 -10.37 -24.37
C ALA F 68 -42.78 -11.55 -23.72
N ASP F 69 -41.79 -11.23 -22.90
CA ASP F 69 -40.99 -12.23 -22.21
C ASP F 69 -41.56 -12.43 -20.80
N SER F 70 -41.97 -13.67 -20.44
CA SER F 70 -42.53 -13.91 -19.12
C SER F 70 -41.79 -14.99 -18.30
N PHE F 71 -41.76 -14.80 -16.96
CA PHE F 71 -41.08 -15.71 -16.04
C PHE F 71 -41.39 -15.35 -14.57
N VAL F 72 -41.01 -16.20 -13.64
CA VAL F 72 -41.18 -15.93 -12.22
C VAL F 72 -39.82 -15.82 -11.53
N ILE F 73 -39.66 -14.80 -10.70
CA ILE F 73 -38.47 -14.58 -9.86
C ILE F 73 -38.91 -14.19 -8.41
N ARG F 74 -37.96 -14.04 -7.50
CA ARG F 74 -38.23 -13.58 -6.14
C ARG F 74 -38.50 -12.06 -6.21
N GLY F 75 -39.25 -11.57 -5.23
CA GLY F 75 -39.57 -10.14 -5.17
C GLY F 75 -38.36 -9.25 -5.07
N ASP F 76 -37.37 -9.64 -4.27
CA ASP F 76 -36.15 -8.86 -4.11
C ASP F 76 -35.19 -8.95 -5.31
N GLU F 77 -35.60 -9.62 -6.39
CA GLU F 77 -34.84 -9.81 -7.63
C GLU F 77 -35.42 -9.03 -8.79
N VAL F 78 -36.67 -8.53 -8.67
CA VAL F 78 -37.29 -7.72 -9.72
C VAL F 78 -36.41 -6.50 -10.09
N ARG F 79 -35.63 -5.94 -9.14
CA ARG F 79 -34.72 -4.82 -9.41
C ARG F 79 -33.62 -5.17 -10.43
N GLN F 80 -33.33 -6.48 -10.62
CA GLN F 80 -32.36 -6.93 -11.59
C GLN F 80 -32.92 -6.94 -13.00
N ILE F 81 -34.29 -6.87 -13.18
CA ILE F 81 -34.94 -6.84 -14.49
C ILE F 81 -35.10 -5.36 -14.84
N ALA F 82 -33.96 -4.71 -15.20
CA ALA F 82 -33.76 -3.29 -15.55
C ALA F 82 -32.38 -3.15 -16.25
N PRO F 83 -32.13 -2.10 -17.04
CA PRO F 83 -30.81 -1.96 -17.69
C PRO F 83 -29.74 -1.55 -16.69
N GLY F 84 -28.51 -1.99 -16.94
CA GLY F 84 -27.35 -1.69 -16.10
C GLY F 84 -27.26 -2.42 -14.77
N GLN F 85 -28.02 -3.52 -14.62
CA GLN F 85 -28.06 -4.23 -13.34
C GLN F 85 -27.21 -5.47 -13.30
N THR F 86 -26.76 -5.82 -12.09
CA THR F 86 -25.98 -7.02 -11.86
C THR F 86 -26.64 -7.89 -10.76
N GLY F 87 -26.22 -9.15 -10.70
CA GLY F 87 -26.75 -10.18 -9.83
C GLY F 87 -26.96 -11.46 -10.62
N LYS F 88 -27.22 -12.58 -9.94
CA LYS F 88 -27.37 -13.88 -10.63
C LYS F 88 -28.50 -13.93 -11.66
N ILE F 89 -29.58 -13.16 -11.50
CA ILE F 89 -30.68 -13.20 -12.46
C ILE F 89 -30.30 -12.45 -13.72
N ALA F 90 -29.82 -11.20 -13.58
CA ALA F 90 -29.39 -10.35 -14.67
C ALA F 90 -28.16 -10.96 -15.40
N ASP F 91 -27.23 -11.52 -14.62
CA ASP F 91 -26.01 -12.11 -15.19
C ASP F 91 -26.22 -13.48 -15.79
N TYR F 92 -26.97 -14.38 -15.11
CA TYR F 92 -27.08 -15.75 -15.58
C TYR F 92 -28.44 -16.23 -16.07
N ASN F 93 -29.50 -15.41 -15.95
CA ASN F 93 -30.85 -15.89 -16.30
C ASN F 93 -31.58 -15.08 -17.39
N TYR F 94 -31.69 -13.77 -17.20
CA TYR F 94 -32.43 -12.90 -18.13
C TYR F 94 -31.77 -11.53 -18.15
N LYS F 95 -31.18 -11.14 -19.29
CA LYS F 95 -30.46 -9.87 -19.37
C LYS F 95 -31.14 -8.79 -20.24
N LEU F 96 -31.26 -7.55 -19.70
CA LEU F 96 -31.80 -6.42 -20.47
C LEU F 96 -30.58 -5.58 -20.90
N PRO F 97 -30.59 -5.06 -22.14
CA PRO F 97 -29.45 -4.23 -22.59
C PRO F 97 -29.42 -2.85 -21.93
N ASP F 98 -28.29 -2.14 -22.03
CA ASP F 98 -28.16 -0.80 -21.44
C ASP F 98 -28.97 0.26 -22.19
N ASP F 99 -29.29 0.02 -23.47
CA ASP F 99 -30.08 0.91 -24.34
C ASP F 99 -31.55 0.44 -24.41
N PHE F 100 -32.03 -0.35 -23.42
CA PHE F 100 -33.38 -0.89 -23.37
C PHE F 100 -34.48 0.14 -23.60
N THR F 101 -35.35 -0.15 -24.54
CA THR F 101 -36.52 0.64 -24.92
C THR F 101 -37.69 -0.34 -24.82
N GLY F 102 -38.42 -0.21 -23.74
CA GLY F 102 -39.54 -1.10 -23.47
C GLY F 102 -39.99 -1.02 -22.03
N CYS F 103 -40.99 -1.84 -21.66
CA CYS F 103 -41.55 -1.81 -20.32
C CYS F 103 -41.37 -3.10 -19.54
N VAL F 104 -41.08 -3.01 -18.24
CA VAL F 104 -40.98 -4.18 -17.37
C VAL F 104 -42.18 -4.14 -16.44
N ILE F 105 -42.99 -5.19 -16.45
CA ILE F 105 -44.18 -5.27 -15.61
C ILE F 105 -44.00 -6.41 -14.63
N ALA F 106 -44.26 -6.20 -13.34
CA ALA F 106 -44.18 -7.28 -12.36
C ALA F 106 -45.29 -7.17 -11.32
N TRP F 107 -45.73 -8.30 -10.76
CA TRP F 107 -46.75 -8.31 -9.72
C TRP F 107 -46.60 -9.51 -8.79
N ASN F 108 -46.90 -9.31 -7.51
CA ASN F 108 -46.80 -10.38 -6.54
C ASN F 108 -47.76 -11.53 -6.89
N SER F 109 -47.23 -12.76 -6.97
CA SER F 109 -48.05 -13.92 -7.30
C SER F 109 -48.04 -14.98 -6.20
N ASN F 110 -47.82 -14.56 -4.93
CA ASN F 110 -47.78 -15.45 -3.76
C ASN F 110 -49.05 -16.31 -3.67
N ASN F 111 -50.20 -15.75 -4.09
CA ASN F 111 -51.47 -16.47 -4.07
C ASN F 111 -51.52 -17.67 -5.01
N LEU F 112 -50.88 -17.57 -6.19
CA LEU F 112 -50.89 -18.63 -7.21
C LEU F 112 -49.64 -19.53 -7.27
N ASP F 113 -48.45 -18.96 -7.00
CA ASP F 113 -47.19 -19.66 -7.17
C ASP F 113 -46.53 -20.21 -5.91
N SER F 114 -47.15 -20.00 -4.75
CA SER F 114 -46.63 -20.58 -3.52
C SER F 114 -47.65 -21.62 -3.06
N LYS F 115 -47.16 -22.78 -2.60
CA LYS F 115 -48.00 -23.88 -2.16
C LYS F 115 -47.68 -24.23 -0.70
N VAL F 116 -48.67 -24.80 0.02
CA VAL F 116 -48.44 -25.23 1.41
C VAL F 116 -47.48 -26.41 1.36
N GLY F 117 -46.34 -26.26 2.03
CA GLY F 117 -45.26 -27.23 1.97
C GLY F 117 -44.09 -26.78 1.10
N GLY F 118 -44.38 -25.89 0.14
CA GLY F 118 -43.40 -25.33 -0.77
C GLY F 118 -43.64 -25.67 -2.21
N ASN F 119 -43.50 -24.67 -3.10
CA ASN F 119 -43.60 -24.89 -4.53
C ASN F 119 -42.18 -24.82 -5.03
N TYR F 120 -41.62 -25.97 -5.42
CA TYR F 120 -40.24 -26.08 -5.91
C TYR F 120 -40.14 -26.22 -7.45
N ASN F 121 -41.27 -26.03 -8.16
CA ASN F 121 -41.32 -26.08 -9.61
C ASN F 121 -40.55 -24.93 -10.30
N TYR F 122 -40.39 -23.77 -9.65
CA TYR F 122 -39.69 -22.65 -10.25
C TYR F 122 -38.21 -22.75 -10.03
N LEU F 123 -37.44 -22.71 -11.12
CA LEU F 123 -35.99 -22.85 -11.09
C LEU F 123 -35.28 -21.61 -11.57
N TYR F 124 -34.02 -21.46 -11.15
CA TYR F 124 -33.13 -20.42 -11.62
C TYR F 124 -31.71 -21.02 -11.79
N ARG F 125 -30.91 -20.42 -12.67
CA ARG F 125 -29.52 -20.76 -12.90
C ARG F 125 -28.69 -20.01 -11.87
N LEU F 126 -27.88 -20.73 -11.08
CA LEU F 126 -27.08 -20.13 -10.00
C LEU F 126 -25.61 -19.86 -10.41
N PHE F 127 -25.12 -20.63 -11.37
CA PHE F 127 -23.74 -20.53 -11.81
C PHE F 127 -23.64 -20.54 -13.32
N ARG F 128 -22.67 -19.79 -13.81
CA ARG F 128 -22.35 -19.70 -15.21
C ARG F 128 -20.93 -19.15 -15.36
N LYS F 129 -20.26 -19.54 -16.45
CA LYS F 129 -18.89 -19.10 -16.69
C LYS F 129 -18.91 -17.57 -16.98
N SER F 130 -19.68 -17.17 -18.00
CA SER F 130 -19.76 -15.77 -18.36
C SER F 130 -21.18 -15.22 -18.16
N ASN F 131 -21.28 -13.88 -17.99
CA ASN F 131 -22.57 -13.20 -17.93
C ASN F 131 -23.26 -13.37 -19.29
N LEU F 132 -24.57 -13.51 -19.29
CA LEU F 132 -25.39 -13.66 -20.48
C LEU F 132 -25.38 -12.34 -21.24
N LYS F 133 -25.58 -12.44 -22.56
CA LYS F 133 -25.71 -11.22 -23.38
C LYS F 133 -27.20 -10.83 -23.38
N PRO F 134 -27.58 -9.55 -23.66
CA PRO F 134 -29.01 -9.20 -23.64
C PRO F 134 -29.89 -10.13 -24.46
N PHE F 135 -31.06 -10.54 -23.90
CA PHE F 135 -32.05 -11.47 -24.46
C PHE F 135 -31.48 -12.85 -24.78
N GLU F 136 -30.29 -13.20 -24.26
CA GLU F 136 -29.77 -14.55 -24.44
C GLU F 136 -30.43 -15.47 -23.40
N ARG F 137 -30.84 -16.68 -23.84
CA ARG F 137 -31.46 -17.72 -23.02
C ARG F 137 -30.49 -18.95 -22.95
N ASP F 138 -30.36 -19.59 -21.77
CA ASP F 138 -29.49 -20.77 -21.57
C ASP F 138 -30.30 -21.78 -20.81
N ILE F 139 -30.63 -22.92 -21.44
CA ILE F 139 -31.38 -23.99 -20.80
C ILE F 139 -30.55 -25.29 -20.56
N SER F 140 -29.22 -25.19 -20.63
CA SER F 140 -28.34 -26.35 -20.44
C SER F 140 -28.18 -26.76 -18.96
N THR F 141 -27.95 -28.06 -18.70
CA THR F 141 -27.77 -28.57 -17.34
C THR F 141 -26.37 -29.20 -17.09
N GLU F 142 -25.30 -28.64 -17.66
CA GLU F 142 -23.95 -29.17 -17.45
C GLU F 142 -23.45 -28.84 -16.05
N ILE F 143 -22.66 -29.74 -15.46
CA ILE F 143 -22.12 -29.54 -14.13
C ILE F 143 -21.13 -28.37 -14.13
N TYR F 144 -21.37 -27.38 -13.27
CA TYR F 144 -20.50 -26.22 -13.18
C TYR F 144 -19.21 -26.50 -12.42
N GLN F 145 -18.09 -26.30 -13.11
CA GLN F 145 -16.76 -26.44 -12.56
C GLN F 145 -16.38 -25.12 -11.93
N ALA F 146 -16.54 -25.00 -10.61
CA ALA F 146 -16.30 -23.75 -9.89
C ALA F 146 -14.87 -23.37 -9.69
N GLY F 147 -13.99 -24.36 -9.74
CA GLY F 147 -12.56 -24.16 -9.55
C GLY F 147 -11.75 -25.00 -10.51
N SER F 148 -10.50 -25.28 -10.13
CA SER F 148 -9.54 -26.01 -10.97
C SER F 148 -9.78 -27.50 -11.11
N THR F 149 -10.54 -28.10 -10.17
CA THR F 149 -10.80 -29.52 -10.20
C THR F 149 -11.86 -29.84 -11.24
N PRO F 150 -11.55 -30.74 -12.18
CA PRO F 150 -12.56 -31.10 -13.20
C PRO F 150 -13.70 -31.88 -12.54
N CYS F 151 -14.87 -31.83 -13.17
CA CYS F 151 -16.06 -32.47 -12.64
C CYS F 151 -16.36 -33.79 -13.26
N ASN F 152 -16.07 -33.93 -14.57
CA ASN F 152 -16.35 -35.15 -15.35
C ASN F 152 -17.84 -35.57 -15.28
N GLY F 153 -18.74 -34.59 -15.26
CA GLY F 153 -20.18 -34.81 -15.18
C GLY F 153 -20.65 -35.30 -13.82
N VAL F 154 -19.79 -35.21 -12.81
CA VAL F 154 -20.12 -35.66 -11.46
C VAL F 154 -20.27 -34.47 -10.53
N GLU F 155 -21.42 -34.42 -9.83
CA GLU F 155 -21.69 -33.41 -8.83
C GLU F 155 -20.79 -33.69 -7.63
N GLY F 156 -20.34 -32.65 -6.95
CA GLY F 156 -19.47 -32.79 -5.79
C GLY F 156 -19.00 -31.44 -5.28
N PHE F 157 -17.97 -31.43 -4.42
CA PHE F 157 -17.45 -30.14 -3.94
C PHE F 157 -16.86 -29.36 -5.16
N ASN F 158 -17.34 -28.10 -5.36
CA ASN F 158 -16.96 -27.19 -6.45
C ASN F 158 -17.34 -27.71 -7.83
N CYS F 159 -18.37 -28.57 -7.88
CA CYS F 159 -18.89 -29.24 -9.07
C CYS F 159 -20.38 -29.26 -8.88
N TYR F 160 -20.99 -28.16 -9.25
CA TYR F 160 -22.39 -27.92 -8.96
C TYR F 160 -23.37 -28.06 -10.10
N PHE F 161 -24.51 -28.72 -9.84
CA PHE F 161 -25.62 -28.76 -10.80
C PHE F 161 -26.11 -27.29 -10.90
N PRO F 162 -26.22 -26.76 -12.13
CA PRO F 162 -26.36 -25.31 -12.31
C PRO F 162 -27.69 -24.69 -11.91
N LEU F 163 -28.77 -25.49 -11.93
CA LEU F 163 -30.07 -24.97 -11.61
C LEU F 163 -30.48 -25.32 -10.16
N GLN F 164 -31.22 -24.42 -9.52
CA GLN F 164 -31.75 -24.62 -8.20
C GLN F 164 -33.18 -24.12 -8.13
N SER F 165 -33.94 -24.70 -7.23
CA SER F 165 -35.32 -24.35 -7.01
C SER F 165 -35.43 -23.14 -6.12
N TYR F 166 -36.46 -22.35 -6.41
CA TYR F 166 -36.92 -21.35 -5.48
C TYR F 166 -37.86 -22.20 -4.60
N GLY F 167 -37.81 -21.94 -3.30
CA GLY F 167 -38.72 -22.60 -2.38
C GLY F 167 -39.80 -21.61 -2.02
N PHE F 168 -40.86 -21.51 -2.82
CA PHE F 168 -41.91 -20.53 -2.58
C PHE F 168 -43.00 -21.02 -1.57
N GLN F 169 -42.90 -20.61 -0.31
CA GLN F 169 -43.90 -20.97 0.71
C GLN F 169 -44.73 -19.74 1.05
N PRO F 170 -46.05 -19.90 1.27
CA PRO F 170 -46.91 -18.74 1.56
C PRO F 170 -46.48 -17.89 2.77
N THR F 171 -45.72 -18.52 3.67
CA THR F 171 -45.16 -18.01 4.93
C THR F 171 -44.03 -16.98 4.68
N ASN F 172 -43.26 -17.17 3.58
CA ASN F 172 -42.10 -16.36 3.22
C ASN F 172 -42.34 -14.86 3.34
N GLY F 173 -41.28 -14.13 3.71
CA GLY F 173 -41.30 -12.67 3.68
C GLY F 173 -41.45 -12.22 2.23
N VAL F 174 -42.00 -10.99 2.00
CA VAL F 174 -42.31 -10.46 0.66
C VAL F 174 -41.14 -10.50 -0.34
N GLY F 175 -39.92 -10.27 0.13
CA GLY F 175 -38.70 -10.33 -0.68
C GLY F 175 -38.37 -11.72 -1.18
N TYR F 176 -38.86 -12.77 -0.48
CA TYR F 176 -38.71 -14.18 -0.88
C TYR F 176 -39.98 -14.71 -1.59
N GLN F 177 -41.03 -13.88 -1.73
CA GLN F 177 -42.25 -14.28 -2.39
C GLN F 177 -42.12 -14.24 -3.92
N PRO F 178 -42.88 -15.10 -4.62
CA PRO F 178 -42.78 -15.11 -6.09
C PRO F 178 -43.44 -13.89 -6.73
N TYR F 179 -42.87 -13.44 -7.86
CA TYR F 179 -43.37 -12.31 -8.64
C TYR F 179 -43.41 -12.76 -10.09
N ARG F 180 -44.55 -12.54 -10.75
CA ARG F 180 -44.67 -12.83 -12.18
C ARG F 180 -44.21 -11.59 -12.93
N VAL F 181 -43.30 -11.76 -13.89
CA VAL F 181 -42.75 -10.65 -14.65
C VAL F 181 -43.07 -10.83 -16.14
N VAL F 182 -43.47 -9.73 -16.80
CA VAL F 182 -43.68 -9.62 -18.25
C VAL F 182 -42.82 -8.48 -18.74
N VAL F 183 -41.96 -8.74 -19.71
CA VAL F 183 -41.10 -7.72 -20.28
C VAL F 183 -41.58 -7.46 -21.72
N LEU F 184 -41.97 -6.19 -22.01
CA LEU F 184 -42.40 -5.82 -23.37
C LEU F 184 -41.27 -5.08 -24.09
N SER F 185 -40.82 -5.58 -25.24
CA SER F 185 -39.81 -4.88 -26.04
C SER F 185 -40.42 -4.51 -27.40
N PHE F 186 -40.11 -3.32 -27.89
CA PHE F 186 -40.77 -2.79 -29.09
C PHE F 186 -39.86 -2.83 -30.31
N GLU F 187 -40.29 -3.59 -31.34
CA GLU F 187 -39.47 -3.80 -32.54
C GLU F 187 -39.87 -3.02 -33.77
N LEU F 188 -38.96 -2.17 -34.28
CA LEU F 188 -39.14 -1.44 -35.53
C LEU F 188 -38.44 -2.19 -36.70
N PRO F 192 -43.40 -2.10 -42.29
CA PRO F 192 -44.69 -2.80 -42.22
C PRO F 192 -45.17 -2.99 -40.79
N ALA F 193 -45.56 -1.89 -40.12
CA ALA F 193 -46.02 -1.89 -38.74
C ALA F 193 -47.35 -2.62 -38.54
N THR F 194 -47.33 -3.69 -37.74
CA THR F 194 -48.53 -4.48 -37.48
C THR F 194 -49.14 -4.24 -36.11
N VAL F 195 -48.39 -3.61 -35.16
CA VAL F 195 -48.94 -3.37 -33.83
C VAL F 195 -48.96 -1.86 -33.51
N CYS F 196 -50.18 -1.30 -33.44
CA CYS F 196 -50.41 0.13 -33.22
C CYS F 196 -51.34 0.38 -32.01
N GLY F 197 -51.36 1.61 -31.53
CA GLY F 197 -52.27 2.01 -30.47
C GLY F 197 -53.68 2.24 -30.98
N PRO F 198 -54.56 2.86 -30.16
CA PRO F 198 -55.93 3.10 -30.61
C PRO F 198 -56.06 4.29 -31.59
S SO4 G . 13.99 20.48 -4.05
O1 SO4 G . 13.27 20.53 -5.05
O2 SO4 G . 14.29 21.54 -3.63
O3 SO4 G . 14.88 19.79 -4.07
O4 SO4 G . 13.40 20.08 -3.33
S SO4 H . 6.18 32.16 -15.05
O1 SO4 H . 7.55 32.09 -14.72
O2 SO4 H . 6.00 32.70 -16.37
O3 SO4 H . 5.41 32.92 -14.09
O4 SO4 H . 5.66 30.86 -15.17
S SO4 I . 15.05 -17.32 -19.02
O1 SO4 I . 15.94 -16.82 -20.01
O2 SO4 I . 15.05 -16.54 -17.92
O3 SO4 I . 15.62 -18.54 -18.60
O4 SO4 I . 13.85 -17.45 -19.68
S SO4 J . 16.88 -14.54 -6.62
O1 SO4 J . 17.63 -13.87 -7.70
O2 SO4 J . 16.59 -13.59 -5.54
O3 SO4 J . 15.61 -15.11 -7.08
O4 SO4 J . 17.72 -15.62 -6.10
S SO4 K . -11.42 52.49 16.17
O1 SO4 K . -10.26 53.32 16.44
O2 SO4 K . -11.22 51.74 14.93
O3 SO4 K . -12.58 53.36 16.03
O4 SO4 K . -11.64 51.54 17.28
S SO4 L . -10.54 52.93 9.91
O1 SO4 L . -9.19 52.68 10.37
O2 SO4 L . -10.52 53.59 8.60
O3 SO4 L . -11.22 53.77 10.91
O4 SO4 L . -11.23 51.64 9.80
S SO4 M . -10.03 -30.96 17.62
O1 SO4 M . -9.01 -30.09 18.13
O2 SO4 M . -9.65 -31.62 16.40
O3 SO4 M . -11.25 -30.23 17.43
O4 SO4 M . -10.19 -32.00 18.62
S SO4 N . -19.43 -31.97 -0.97
O1 SO4 N . -18.98 -32.77 -1.82
O2 SO4 N . -20.42 -31.10 -1.33
O3 SO4 N . -18.51 -31.61 -0.13
O4 SO4 N . -20.03 -32.75 -0.39
S SO4 O . -10.23 -18.75 -17.56
O1 SO4 O . -10.69 -18.27 -18.81
O2 SO4 O . -9.70 -17.85 -16.74
O3 SO4 O . -11.30 -19.46 -17.01
O4 SO4 O . -9.27 -19.68 -17.78
S SO4 P . 25.47 -9.08 10.63
O1 SO4 P . 25.11 -9.34 9.27
O2 SO4 P . 25.22 -7.75 10.96
O3 SO4 P . 26.85 -9.21 10.83
O4 SO4 P . 24.73 -10.03 11.40
S SO4 Q . 13.35 -3.11 19.61
O1 SO4 Q . 14.58 -3.02 18.83
O2 SO4 Q . 13.05 -1.86 20.31
O3 SO4 Q . 12.27 -3.44 18.70
O4 SO4 Q . 13.49 -4.13 20.62
S SO4 R . -1.75 -32.95 1.99
O1 SO4 R . -2.36 -33.37 1.03
O2 SO4 R . -0.89 -32.22 1.79
O3 SO4 R . -1.19 -33.72 2.40
O4 SO4 R . -2.60 -32.60 2.78
S SO4 S . 26.13 -37.56 31.19
O1 SO4 S . 27.13 -36.71 31.26
O2 SO4 S . 25.71 -37.57 29.93
O3 SO4 S . 25.11 -37.43 32.04
O4 SO4 S . 26.85 -38.67 31.42
S SO4 T . 39.43 -22.03 20.40
O1 SO4 T . 40.75 -21.39 20.39
O2 SO4 T . 39.26 -22.72 19.10
O3 SO4 T . 38.38 -21.02 20.58
O4 SO4 T . 39.34 -23.02 21.47
S SO4 U . -37.97 -10.33 3.32
O1 SO4 U . -36.94 -9.52 3.53
O2 SO4 U . -38.55 -10.05 2.22
O3 SO4 U . -38.96 -10.37 4.23
O4 SO4 U . -37.41 -11.55 3.26
S SO4 V . -36.62 -18.65 -2.08
O1 SO4 V . -35.36 -18.67 -2.86
O2 SO4 V . -37.73 -18.14 -2.85
O3 SO4 V . -36.88 -19.98 -1.63
O4 SO4 V . -36.48 -17.82 -0.89
S SO4 W . -34.73 -2.87 -26.55
O1 SO4 W . -33.88 -1.76 -27.01
O2 SO4 W . -34.89 -3.93 -27.55
O3 SO4 W . -36.06 -2.42 -26.26
O4 SO4 W . -34.12 -3.41 -25.38
#